data_8D48
#
_entry.id   8D48
#
loop_
_entity.id
_entity.type
_entity.pdbx_description
1 polymer 'Spike glycoprotein'
2 polymer 'sd1.040 Fab heavy chain'
3 polymer 'sd1.040 Fab light chain'
4 branched 2-acetamido-2-deoxy-beta-D-glucopyranose-(1-4)-2-acetamido-2-deoxy-beta-D-glucopyranose
#
loop_
_entity_poly.entity_id
_entity_poly.type
_entity_poly.pdbx_seq_one_letter_code
_entity_poly.pdbx_strand_id
1 'polypeptide(L)'
;MFVFLVLLPLVSSQCVNLTTRTQLPPAYTNSFTRGVYYPDKVFRSSVLHSTQDLFLPFFSNVTWFHAIHVSGTNGTKRFD
NPVLPFNDGVYFASTEKSNIIRGWIFGTTLDSKTQSLLIVNNATNVVIKVCEFQFCNDPFLGVYYHKNNKSWMESEFRVY
SSANNCTFEYVSQPFLMDLEGKQGNFKNLREFVFKNIDGYFKIYSKHTPINLVRDLPQGFSALEPLVDLPIGINITRFQT
LLALHRSYLTPGDSSSGWTAGAAAYYVGYLQPRTFLLKYNENGTITDAVDCALDPLSETKCTLKSFTVEKGIYQTSNFRV
QPTESIVRFPNITNLCPFGEVFNATRFASVYAWNRKRISNCVADYSVLYNSASFSTFKCYGVSPTKLNDLCFTNVYADSF
VIRGDEVRQIAPGQTGKIADYNYKLPDDFTGCVIAWNSNNLDSKVGGNYNYLYRLFRKSNLKPFERDISTEIYQAGSTPC
NGVEGFNCYFPLQSYGFQPTNGVGYQPYRVVVLSFELLHAPATVCGPKKSTNLVKNKCVNFNFNGLTGTGVLTESNKKFL
PFQQFGRDIADTTDAVRDPQTLEILDITPCSFGGVSVITPGTNTSNQVAVLYQDVNCTEVPVAIHADQLTPTWRVYSTGS
NVFQTRAGCLIGAEHVNNSYECDIPIGAGICASYQTQTNSPRRARSVASQSIIAYTMSLGAENSVAYSNNSIAIPTNFTI
SVTTEILPVSMTKTSVDCTMYICGDSTECSNLLLQYGSFCTQLNRALTGIAVEQDKNTQEVFAQVKQIYKTPPIKDFGGF
NFSQILPDPSKPSKRSFIEDLLFNKVTLADAGFIKQYGDCLGDIAARDLICAQKFNGLTVLPPLLTDEMIAQYTSALLAG
TITSGWTFGAGAALQIPFAMQMAYRFNGIGVTQNVLYENQKLIANQFNSAIGKIQDSLSSTASALGKLQDVVNQNAQALN
TLVKQLSSNFGAISSVLNDILSRLDPPEAEVQIDRLITGRLQSLQTYVTQQLIRAAEIRASANLAATKMSECVLGQSKRV
DFCGKGYHLMSFPQSAPHGVVFLHVTYVPAQEKNFTTAPAICHDGKAHFPREGVFVSNGTHWFVTQRNFYEPQIITTDNT
FVSGNCDVVIGIVNNTVYDPLQPELDSFKEELDKYFKNHTSPDVDLGDISGINASVVNIQKEIDRLNEVAKNLNESLIDL
QELGKYEQYIKWPSGRLVPRGSPGSGYIPEAPRDGQAYVRKDGEWVLLSTFLGHHHHHH
;
A
2 'polypeptide(L)'
;QVQLVQSGAEVKKPGASVKVSCKASGYTFTSFYIHWVRQAPGQGLEWMGIIDPSGGSTSYPQKFQGRVTMTRDTSTSTVY
MDLSSLRSEDTAVYYCTRDGSAGDNSWFDPWGQGTLVTVSSASTKGPSVFPLAPSSKSTSGGTAALGCLVKDYFPEPVTV
SWNSGALTSGVHTFPAVLQSSGLYSLSSVVTVPSSSLGTQTYICNVNHKPSNTKVDKRVEPKSCDKTHHHHHH
;
H
3 'polypeptide(L)'
;DIVMTQSPDSLAVSLGERATINCKSSRNVLYSSNNKNYLAWYQQKPGQPPKLLIYWASARESGVPDRFSGSGSGTDFTLT
ISSLQAEDVAVYYCQQYYNTPYTFGQGTKLEIKRTVAAPSVFIFPPSDEQLKSGTASVVCLLNNFYPREAKVQWKVDNAL
QSGNSQESVTEQDSKDSTYSLSSTLTLSKADYEKHKVYACEVTHQGLSSPVTKSFNRGEC
;
L
#
# COMPACT_ATOMS: atom_id res chain seq x y z
N GLN A 321 -40.49 -6.48 21.16
CA GLN A 321 -40.79 -5.46 20.15
C GLN A 321 -39.60 -4.54 19.91
N PRO A 322 -39.24 -4.34 18.65
CA PRO A 322 -38.08 -3.50 18.33
C PRO A 322 -38.30 -2.06 18.76
N THR A 323 -37.20 -1.38 19.10
CA THR A 323 -37.24 -0.01 19.60
C THR A 323 -36.70 1.00 18.61
N GLU A 324 -35.52 0.77 18.04
CA GLU A 324 -34.94 1.69 17.07
C GLU A 324 -34.70 0.97 15.74
N SER A 325 -34.12 1.68 14.78
CA SER A 325 -33.76 1.15 13.48
C SER A 325 -32.40 1.70 13.09
N ILE A 326 -31.55 0.84 12.52
CA ILE A 326 -30.20 1.20 12.14
C ILE A 326 -29.97 0.83 10.68
N VAL A 327 -29.22 1.69 9.98
CA VAL A 327 -28.83 1.45 8.60
C VAL A 327 -27.36 1.82 8.45
N ARG A 328 -26.65 1.09 7.58
CA ARG A 328 -25.23 1.30 7.40
C ARG A 328 -24.87 1.05 5.95
N PHE A 329 -24.45 2.11 5.26
CA PHE A 329 -24.04 2.11 3.87
C PHE A 329 -22.63 2.68 3.74
N PRO A 330 -21.93 2.37 2.65
CA PRO A 330 -20.51 2.71 2.55
C PRO A 330 -20.23 4.21 2.62
N ASN A 331 -18.99 4.54 2.98
CA ASN A 331 -18.47 5.91 3.00
C ASN A 331 -18.08 6.40 1.62
N ILE A 332 -19.07 6.67 0.77
CA ILE A 332 -18.83 7.12 -0.61
C ILE A 332 -19.79 8.24 -0.95
N THR A 333 -19.26 9.29 -1.61
CA THR A 333 -20.05 10.45 -2.00
C THR A 333 -19.66 10.89 -3.40
N ASN A 334 -19.61 9.95 -4.34
CA ASN A 334 -19.32 10.24 -5.74
C ASN A 334 -20.58 10.06 -6.56
N LEU A 335 -21.06 11.15 -7.17
CA LEU A 335 -22.24 11.07 -8.01
C LEU A 335 -21.95 10.25 -9.26
N CYS A 336 -22.90 9.40 -9.63
CA CYS A 336 -22.69 8.51 -10.76
C CYS A 336 -22.97 9.25 -12.07
N PRO A 337 -22.07 9.18 -13.05
CA PRO A 337 -22.26 9.88 -14.34
C PRO A 337 -23.26 9.19 -15.26
N PHE A 338 -24.54 9.32 -14.93
CA PHE A 338 -25.59 8.76 -15.77
C PHE A 338 -25.88 9.62 -17.00
N GLY A 339 -25.48 10.90 -16.99
CA GLY A 339 -25.74 11.76 -18.12
C GLY A 339 -24.87 11.51 -19.32
N GLU A 340 -23.71 10.88 -19.13
CA GLU A 340 -22.81 10.63 -20.25
C GLU A 340 -23.43 9.71 -21.28
N VAL A 341 -24.12 8.65 -20.83
CA VAL A 341 -24.74 7.72 -21.74
C VAL A 341 -26.04 8.25 -22.33
N PHE A 342 -26.70 9.18 -21.64
CA PHE A 342 -27.98 9.71 -22.09
C PHE A 342 -27.85 10.97 -22.93
N ASN A 343 -26.96 11.88 -22.55
CA ASN A 343 -26.89 13.21 -23.16
C ASN A 343 -25.75 13.36 -24.15
N ALA A 344 -25.10 12.28 -24.55
CA ALA A 344 -24.06 12.38 -25.56
C ALA A 344 -24.69 12.53 -26.95
N THR A 345 -23.83 12.64 -27.97
CA THR A 345 -24.27 12.98 -29.31
C THR A 345 -24.15 11.84 -30.32
N ARG A 346 -22.97 11.25 -30.48
CA ARG A 346 -22.74 10.24 -31.50
C ARG A 346 -22.92 8.86 -30.90
N PHE A 347 -24.00 8.17 -31.30
CA PHE A 347 -24.32 6.85 -30.78
C PHE A 347 -24.19 5.82 -31.90
N ALA A 348 -23.73 4.63 -31.53
CA ALA A 348 -23.43 3.58 -32.49
C ALA A 348 -24.70 2.92 -33.02
N SER A 349 -24.52 2.13 -34.08
CA SER A 349 -25.62 1.42 -34.71
C SER A 349 -25.97 0.15 -33.92
N VAL A 350 -27.04 -0.52 -34.36
CA VAL A 350 -27.55 -1.67 -33.63
C VAL A 350 -26.66 -2.91 -33.53
N TYR A 351 -26.10 -3.37 -34.65
CA TYR A 351 -25.28 -4.58 -34.61
C TYR A 351 -23.79 -4.39 -34.13
N ALA A 352 -23.54 -3.16 -33.70
CA ALA A 352 -22.25 -2.74 -33.13
C ALA A 352 -22.56 -1.93 -31.88
N TRP A 353 -23.56 -2.37 -31.12
CA TRP A 353 -24.03 -1.61 -29.97
C TRP A 353 -22.91 -1.41 -28.95
N ASN A 354 -22.83 -0.19 -28.42
CA ASN A 354 -21.83 0.16 -27.44
C ASN A 354 -22.18 -0.41 -26.07
N ARG A 355 -21.17 -0.55 -25.22
CA ARG A 355 -21.33 -1.07 -23.87
C ARG A 355 -20.53 -0.21 -22.91
N LYS A 356 -21.14 0.17 -21.79
CA LYS A 356 -20.46 0.95 -20.77
C LYS A 356 -20.65 0.29 -19.41
N ARG A 357 -19.56 0.23 -18.64
CA ARG A 357 -19.55 -0.37 -17.32
C ARG A 357 -19.57 0.72 -16.25
N ILE A 358 -20.40 0.53 -15.23
CA ILE A 358 -20.58 1.50 -14.16
C ILE A 358 -20.38 0.80 -12.83
N SER A 359 -19.52 1.36 -11.98
CA SER A 359 -19.26 0.85 -10.65
C SER A 359 -18.68 1.96 -9.81
N ASN A 360 -18.73 1.77 -8.49
CA ASN A 360 -18.15 2.69 -7.50
C ASN A 360 -18.72 4.10 -7.65
N CYS A 361 -20.03 4.20 -7.42
CA CYS A 361 -20.74 5.48 -7.51
C CYS A 361 -22.04 5.38 -6.73
N VAL A 362 -22.68 6.52 -6.56
CA VAL A 362 -24.03 6.60 -6.01
C VAL A 362 -24.94 7.21 -7.07
N ALA A 363 -26.12 6.64 -7.23
CA ALA A 363 -27.05 7.04 -8.27
C ALA A 363 -28.44 7.27 -7.69
N ASP A 364 -29.17 8.19 -8.29
CA ASP A 364 -30.54 8.51 -7.90
C ASP A 364 -31.45 8.16 -9.06
N TYR A 365 -32.22 7.08 -8.92
CA TYR A 365 -33.12 6.62 -9.97
C TYR A 365 -34.47 7.33 -9.95
N SER A 366 -34.76 8.12 -8.90
CA SER A 366 -36.01 8.86 -8.86
C SER A 366 -36.07 9.90 -9.98
N VAL A 367 -34.98 10.64 -10.18
CA VAL A 367 -34.96 11.63 -11.25
C VAL A 367 -34.96 10.95 -12.62
N LEU A 368 -34.41 9.74 -12.72
CA LEU A 368 -34.44 9.02 -13.99
C LEU A 368 -35.85 8.54 -14.30
N TYR A 369 -36.59 8.10 -13.29
CA TYR A 369 -37.96 7.65 -13.51
C TYR A 369 -38.90 8.82 -13.79
N ASN A 370 -38.67 9.95 -13.14
CA ASN A 370 -39.51 11.14 -13.31
C ASN A 370 -38.82 12.08 -14.29
N SER A 371 -38.98 11.78 -15.58
CA SER A 371 -38.38 12.58 -16.64
C SER A 371 -39.39 13.24 -17.55
N ALA A 372 -40.58 12.66 -17.72
CA ALA A 372 -41.69 13.18 -18.51
C ALA A 372 -41.39 13.28 -20.00
N SER A 373 -40.21 12.86 -20.44
CA SER A 373 -39.86 12.82 -21.86
C SER A 373 -39.49 11.41 -22.29
N PHE A 374 -40.26 10.43 -21.81
CA PHE A 374 -39.92 9.02 -21.94
C PHE A 374 -41.11 8.30 -22.57
N SER A 375 -40.97 7.92 -23.83
CA SER A 375 -42.08 7.25 -24.52
C SER A 375 -42.35 5.89 -23.93
N THR A 376 -41.31 5.08 -23.74
CA THR A 376 -41.43 3.73 -23.20
C THR A 376 -40.41 3.55 -22.10
N PHE A 377 -40.88 3.19 -20.91
CA PHE A 377 -40.02 2.89 -19.76
C PHE A 377 -40.55 1.60 -19.15
N LYS A 378 -40.06 0.46 -19.63
CA LYS A 378 -40.57 -0.83 -19.19
C LYS A 378 -39.43 -1.64 -18.60
N CYS A 379 -39.68 -2.28 -17.46
CA CYS A 379 -38.58 -3.07 -16.93
C CYS A 379 -39.02 -4.10 -15.90
N TYR A 380 -38.11 -5.04 -15.66
CA TYR A 380 -38.45 -6.31 -15.03
C TYR A 380 -37.40 -6.65 -13.98
N GLY A 381 -37.81 -7.43 -12.99
CA GLY A 381 -36.97 -7.83 -11.88
C GLY A 381 -37.10 -6.91 -10.68
N VAL A 382 -37.25 -5.62 -10.93
CA VAL A 382 -37.42 -4.63 -9.88
C VAL A 382 -38.64 -3.78 -10.19
N SER A 383 -39.24 -3.23 -9.14
CA SER A 383 -40.35 -2.31 -9.32
C SER A 383 -39.83 -0.95 -9.77
N PRO A 384 -40.63 -0.21 -10.53
CA PRO A 384 -40.20 1.15 -10.94
C PRO A 384 -39.86 2.03 -9.75
N THR A 385 -40.62 1.94 -8.67
CA THR A 385 -40.30 2.64 -7.44
C THR A 385 -39.50 1.72 -6.52
N LYS A 386 -39.17 2.22 -5.33
CA LYS A 386 -38.49 1.48 -4.26
C LYS A 386 -37.05 1.13 -4.64
N LEU A 387 -36.63 1.43 -5.87
CA LEU A 387 -35.32 1.00 -6.37
C LEU A 387 -34.16 1.63 -5.63
N ASN A 388 -34.39 2.67 -4.83
CA ASN A 388 -33.34 3.28 -4.04
C ASN A 388 -33.00 2.49 -2.79
N ASP A 389 -33.53 1.27 -2.64
CA ASP A 389 -33.30 0.43 -1.48
C ASP A 389 -32.47 -0.82 -1.81
N LEU A 390 -31.78 -0.82 -2.94
CA LEU A 390 -31.04 -1.99 -3.40
C LEU A 390 -29.60 -1.61 -3.73
N CYS A 391 -28.69 -2.58 -3.57
CA CYS A 391 -27.29 -2.41 -3.90
C CYS A 391 -26.85 -3.52 -4.84
N PHE A 392 -26.07 -3.16 -5.85
CA PHE A 392 -25.58 -4.10 -6.84
C PHE A 392 -24.07 -3.97 -6.98
N THR A 393 -23.47 -4.95 -7.65
CA THR A 393 -22.02 -4.99 -7.82
C THR A 393 -21.56 -4.28 -9.09
N ASN A 394 -22.37 -4.33 -10.16
CA ASN A 394 -21.99 -3.72 -11.43
C ASN A 394 -23.25 -3.22 -12.12
N VAL A 395 -23.05 -2.31 -13.07
CA VAL A 395 -24.14 -1.84 -13.94
C VAL A 395 -23.61 -1.82 -15.37
N TYR A 396 -24.43 -2.29 -16.31
CA TYR A 396 -24.07 -2.27 -17.72
C TYR A 396 -25.10 -1.47 -18.50
N ALA A 397 -24.62 -0.59 -19.39
CA ALA A 397 -25.49 0.27 -20.16
C ALA A 397 -25.21 0.09 -21.65
N ASP A 398 -26.26 -0.10 -22.43
CA ASP A 398 -26.17 -0.23 -23.88
C ASP A 398 -27.14 0.73 -24.54
N SER A 399 -26.82 1.16 -25.77
CA SER A 399 -27.64 2.14 -26.47
C SER A 399 -27.57 1.89 -27.98
N PHE A 400 -28.71 2.05 -28.65
CA PHE A 400 -28.76 1.90 -30.09
C PHE A 400 -30.04 2.52 -30.66
N VAL A 401 -30.04 2.72 -31.98
CA VAL A 401 -31.17 3.25 -32.73
C VAL A 401 -32.05 2.11 -33.18
N ILE A 402 -33.37 2.24 -33.00
CA ILE A 402 -34.31 1.22 -33.46
C ILE A 402 -35.51 1.95 -34.07
N ARG A 403 -35.97 1.46 -35.21
CA ARG A 403 -37.11 2.10 -35.86
C ARG A 403 -38.36 1.95 -35.01
N GLY A 404 -39.33 2.85 -35.25
CA GLY A 404 -40.43 3.02 -34.31
C GLY A 404 -41.24 1.75 -34.08
N ASP A 405 -41.49 0.99 -35.15
CA ASP A 405 -42.33 -0.20 -35.01
C ASP A 405 -41.63 -1.35 -34.30
N GLU A 406 -40.32 -1.25 -34.06
CA GLU A 406 -39.55 -2.35 -33.50
C GLU A 406 -39.04 -2.07 -32.10
N VAL A 407 -39.56 -1.03 -31.43
CA VAL A 407 -39.20 -0.79 -30.04
C VAL A 407 -39.72 -1.92 -29.16
N ARG A 408 -40.91 -2.44 -29.47
CA ARG A 408 -41.46 -3.58 -28.73
C ARG A 408 -40.51 -4.77 -28.78
N GLN A 409 -39.73 -4.90 -29.85
CA GLN A 409 -38.90 -6.07 -30.04
C GLN A 409 -37.78 -6.19 -29.00
N ILE A 410 -37.38 -5.09 -28.37
CA ILE A 410 -36.38 -5.15 -27.31
C ILE A 410 -37.10 -5.49 -26.01
N ALA A 411 -37.29 -6.78 -25.76
CA ALA A 411 -38.02 -7.28 -24.61
C ALA A 411 -37.81 -8.79 -24.49
N PRO A 412 -37.85 -9.35 -23.29
CA PRO A 412 -37.67 -10.80 -23.15
C PRO A 412 -38.75 -11.58 -23.88
N GLY A 413 -38.35 -12.70 -24.47
CA GLY A 413 -39.28 -13.58 -25.14
C GLY A 413 -39.96 -13.00 -26.36
N GLN A 414 -39.21 -12.33 -27.23
CA GLN A 414 -39.75 -11.77 -28.46
C GLN A 414 -38.94 -12.27 -29.65
N THR A 415 -39.66 -12.62 -30.72
CA THR A 415 -39.05 -13.11 -31.95
C THR A 415 -39.25 -12.08 -33.06
N GLY A 416 -38.17 -11.73 -33.74
CA GLY A 416 -38.25 -10.70 -34.75
C GLY A 416 -37.00 -10.66 -35.61
N LYS A 417 -36.95 -9.66 -36.49
CA LYS A 417 -35.86 -9.57 -37.45
C LYS A 417 -34.57 -9.08 -36.79
N ILE A 418 -34.65 -8.07 -35.93
CA ILE A 418 -33.46 -7.46 -35.35
C ILE A 418 -33.05 -8.15 -34.05
N ALA A 419 -34.01 -8.49 -33.18
CA ALA A 419 -33.67 -9.10 -31.91
C ALA A 419 -32.97 -10.44 -32.10
N ASP A 420 -33.49 -11.28 -33.01
CA ASP A 420 -32.90 -12.59 -33.22
C ASP A 420 -31.58 -12.53 -33.98
N TYR A 421 -31.37 -11.46 -34.74
CA TYR A 421 -30.21 -11.37 -35.63
C TYR A 421 -29.15 -10.38 -35.19
N ASN A 422 -29.51 -9.31 -34.49
CA ASN A 422 -28.57 -8.29 -34.07
C ASN A 422 -28.29 -8.31 -32.57
N TYR A 423 -29.33 -8.30 -31.74
CA TYR A 423 -29.14 -8.23 -30.29
C TYR A 423 -30.40 -8.78 -29.63
N LYS A 424 -30.26 -9.89 -28.89
CA LYS A 424 -31.37 -10.54 -28.23
C LYS A 424 -31.23 -10.37 -26.72
N LEU A 425 -32.28 -9.85 -26.09
CA LEU A 425 -32.30 -9.65 -24.65
C LEU A 425 -32.55 -10.98 -23.96
N PRO A 426 -31.70 -11.39 -23.01
CA PRO A 426 -31.90 -12.67 -22.33
C PRO A 426 -33.21 -12.70 -21.55
N ASP A 427 -33.76 -13.92 -21.40
CA ASP A 427 -35.05 -14.08 -20.73
C ASP A 427 -34.99 -13.65 -19.28
N ASP A 428 -33.91 -13.99 -18.57
CA ASP A 428 -33.76 -13.69 -17.16
C ASP A 428 -33.14 -12.30 -16.92
N PHE A 429 -33.30 -11.40 -17.87
CA PHE A 429 -32.74 -10.05 -17.78
C PHE A 429 -33.47 -9.28 -16.68
N THR A 430 -32.77 -9.02 -15.58
CA THR A 430 -33.31 -8.26 -14.44
C THR A 430 -32.79 -6.83 -14.56
N GLY A 431 -33.54 -6.00 -15.26
CA GLY A 431 -33.09 -4.64 -15.52
C GLY A 431 -34.16 -3.86 -16.24
N CYS A 432 -33.74 -2.73 -16.81
CA CYS A 432 -34.70 -1.78 -17.36
C CYS A 432 -34.41 -1.40 -18.80
N VAL A 433 -35.49 -1.08 -19.53
CA VAL A 433 -35.45 -0.73 -20.94
C VAL A 433 -36.12 0.62 -21.12
N ILE A 434 -35.42 1.53 -21.79
CA ILE A 434 -35.85 2.89 -22.03
C ILE A 434 -35.85 3.14 -23.52
N ALA A 435 -36.87 3.84 -24.02
CA ALA A 435 -36.93 4.20 -25.42
C ALA A 435 -37.68 5.51 -25.58
N TRP A 436 -37.11 6.43 -26.36
CA TRP A 436 -37.77 7.71 -26.58
C TRP A 436 -37.50 8.22 -27.98
N ASN A 437 -38.41 9.04 -28.47
CA ASN A 437 -38.32 9.59 -29.82
C ASN A 437 -37.30 10.72 -29.87
N SER A 438 -36.52 10.74 -30.95
CA SER A 438 -35.54 11.80 -31.19
C SER A 438 -35.57 12.21 -32.65
N ASN A 439 -36.79 12.29 -33.23
CA ASN A 439 -36.91 12.57 -34.65
C ASN A 439 -36.37 13.95 -35.01
N ASN A 440 -36.47 14.91 -34.09
CA ASN A 440 -36.01 16.25 -34.36
C ASN A 440 -34.48 16.38 -34.36
N LEU A 441 -33.76 15.33 -33.94
CA LEU A 441 -32.31 15.40 -33.81
C LEU A 441 -31.54 14.52 -34.79
N ASP A 442 -32.17 13.48 -35.33
CA ASP A 442 -31.48 12.56 -36.23
C ASP A 442 -32.07 12.47 -37.63
N SER A 443 -33.29 12.96 -37.84
CA SER A 443 -33.88 12.95 -39.17
C SER A 443 -33.21 13.98 -40.06
N LYS A 444 -32.82 13.57 -41.26
CA LYS A 444 -32.14 14.44 -42.20
C LYS A 444 -32.90 14.46 -43.52
N VAL A 445 -33.01 15.65 -44.12
CA VAL A 445 -33.68 15.80 -45.40
C VAL A 445 -32.83 15.17 -46.50
N GLY A 446 -33.48 14.35 -47.34
CA GLY A 446 -32.79 13.67 -48.41
C GLY A 446 -32.28 12.28 -48.07
N GLY A 447 -32.37 11.86 -46.81
CA GLY A 447 -31.95 10.53 -46.43
C GLY A 447 -30.75 10.50 -45.51
N ASN A 448 -30.96 10.13 -44.25
CA ASN A 448 -29.87 9.95 -43.29
C ASN A 448 -29.44 8.49 -43.33
N TYR A 449 -28.29 8.23 -43.92
CA TYR A 449 -27.75 6.88 -44.06
C TYR A 449 -26.67 6.58 -43.04
N ASN A 450 -26.47 7.45 -42.05
CA ASN A 450 -25.44 7.23 -41.05
C ASN A 450 -25.76 6.00 -40.19
N TYR A 451 -27.02 5.81 -39.83
CA TYR A 451 -27.44 4.69 -38.99
C TYR A 451 -27.90 3.54 -39.88
N LEU A 452 -27.33 2.35 -39.65
CA LEU A 452 -27.62 1.18 -40.46
C LEU A 452 -27.89 -0.02 -39.55
N TYR A 453 -28.65 -0.97 -40.07
CA TYR A 453 -29.04 -2.16 -39.33
C TYR A 453 -28.76 -3.40 -40.17
N ARG A 454 -28.35 -4.48 -39.49
CA ARG A 454 -28.08 -5.74 -40.17
C ARG A 454 -29.40 -6.43 -40.51
N LEU A 455 -29.55 -6.80 -41.78
CA LEU A 455 -30.78 -7.38 -42.28
C LEU A 455 -30.72 -8.87 -42.53
N PHE A 456 -29.54 -9.41 -42.85
CA PHE A 456 -29.43 -10.77 -43.36
C PHE A 456 -28.32 -11.47 -42.58
N ARG A 457 -28.70 -12.47 -41.77
CA ARG A 457 -27.76 -13.21 -40.93
C ARG A 457 -28.12 -14.69 -41.00
N LYS A 458 -27.08 -15.52 -40.87
CA LYS A 458 -27.22 -16.96 -41.09
C LYS A 458 -27.68 -17.74 -39.86
N SER A 459 -27.34 -17.31 -38.66
N SER A 459 -27.34 -17.31 -38.66
CA SER A 459 -27.60 -18.07 -37.45
CA SER A 459 -27.60 -18.07 -37.45
C SER A 459 -28.17 -17.17 -36.37
C SER A 459 -28.17 -17.17 -36.37
N ASN A 460 -28.91 -17.78 -35.44
CA ASN A 460 -29.46 -17.04 -34.31
C ASN A 460 -28.35 -16.69 -33.33
N LEU A 461 -28.65 -15.74 -32.45
CA LEU A 461 -27.68 -15.20 -31.51
C LEU A 461 -28.09 -15.56 -30.09
N LYS A 462 -27.13 -16.11 -29.33
CA LYS A 462 -27.32 -16.28 -27.90
C LYS A 462 -27.25 -14.91 -27.22
N PRO A 463 -27.81 -14.79 -26.01
CA PRO A 463 -27.85 -13.48 -25.35
C PRO A 463 -26.46 -12.87 -25.18
N PHE A 464 -26.38 -11.56 -25.41
CA PHE A 464 -25.20 -10.75 -25.12
C PHE A 464 -23.97 -11.21 -25.91
N GLU A 465 -24.09 -11.13 -27.23
CA GLU A 465 -22.93 -11.25 -28.12
C GLU A 465 -22.94 -10.12 -29.13
N ARG A 466 -21.76 -9.71 -29.57
CA ARG A 466 -21.58 -8.66 -30.55
C ARG A 466 -20.91 -9.24 -31.78
N ASP A 467 -21.52 -9.05 -32.95
CA ASP A 467 -20.99 -9.53 -34.22
C ASP A 467 -20.54 -8.34 -35.04
N ILE A 468 -19.30 -8.39 -35.53
CA ILE A 468 -18.71 -7.29 -36.28
C ILE A 468 -18.31 -7.76 -37.66
N SER A 469 -18.05 -9.05 -37.80
CA SER A 469 -17.60 -9.60 -39.08
C SER A 469 -18.65 -9.40 -40.16
N THR A 470 -18.20 -8.93 -41.32
CA THR A 470 -19.06 -8.65 -42.46
C THR A 470 -18.69 -9.50 -43.67
N GLU A 471 -18.37 -10.77 -43.43
CA GLU A 471 -18.01 -11.67 -44.51
C GLU A 471 -19.21 -11.92 -45.43
N ILE A 472 -18.92 -12.10 -46.72
CA ILE A 472 -19.98 -12.28 -47.71
C ILE A 472 -20.72 -13.59 -47.44
N TYR A 473 -21.95 -13.64 -47.93
CA TYR A 473 -22.82 -14.79 -47.69
C TYR A 473 -22.80 -15.72 -48.90
N GLN A 474 -23.04 -17.01 -48.62
CA GLN A 474 -23.21 -18.03 -49.66
C GLN A 474 -24.54 -18.73 -49.39
N ALA A 475 -25.62 -18.20 -49.97
CA ALA A 475 -26.95 -18.72 -49.75
C ALA A 475 -27.30 -19.88 -50.68
N GLY A 476 -26.40 -20.25 -51.59
CA GLY A 476 -26.63 -21.35 -52.50
C GLY A 476 -25.43 -22.30 -52.51
N SER A 477 -25.54 -23.32 -53.36
CA SER A 477 -24.48 -24.30 -53.52
CA SER A 477 -24.48 -24.30 -53.52
C SER A 477 -23.35 -23.82 -54.43
N THR A 478 -23.52 -22.67 -55.09
CA THR A 478 -22.49 -22.13 -55.96
C THR A 478 -21.80 -20.98 -55.27
N PRO A 479 -20.53 -21.11 -54.88
CA PRO A 479 -19.84 -19.99 -54.24
C PRO A 479 -19.72 -18.79 -55.17
N CYS A 480 -19.87 -17.59 -54.60
CA CYS A 480 -19.73 -16.35 -55.35
C CYS A 480 -18.33 -15.76 -55.27
N ASN A 481 -17.45 -16.32 -54.45
CA ASN A 481 -16.08 -15.83 -54.29
C ASN A 481 -16.04 -14.36 -53.91
N GLY A 482 -16.94 -13.95 -53.02
CA GLY A 482 -16.95 -12.59 -52.53
C GLY A 482 -17.50 -11.56 -53.49
N VAL A 483 -18.40 -11.95 -54.39
CA VAL A 483 -19.02 -11.04 -55.34
C VAL A 483 -20.53 -11.09 -55.14
N GLU A 484 -21.13 -9.91 -54.95
CA GLU A 484 -22.58 -9.84 -54.75
C GLU A 484 -23.31 -10.21 -56.04
N GLY A 485 -24.46 -10.87 -55.88
CA GLY A 485 -25.27 -11.28 -57.01
C GLY A 485 -26.35 -12.26 -56.63
N PHE A 486 -26.48 -13.34 -57.41
CA PHE A 486 -27.49 -14.35 -57.11
C PHE A 486 -27.05 -15.19 -55.91
N ASN A 487 -27.97 -15.37 -54.96
CA ASN A 487 -27.74 -16.13 -53.73
C ASN A 487 -26.59 -15.55 -52.91
N CYS A 488 -26.25 -14.28 -53.11
CA CYS A 488 -25.16 -13.64 -52.40
C CYS A 488 -25.51 -12.16 -52.25
N TYR A 489 -25.80 -11.73 -51.03
CA TYR A 489 -26.26 -10.37 -50.77
C TYR A 489 -25.46 -9.76 -49.64
N PHE A 490 -25.40 -8.43 -49.63
CA PHE A 490 -24.73 -7.69 -48.57
C PHE A 490 -25.60 -7.71 -47.32
N PRO A 491 -25.13 -8.24 -46.20
CA PRO A 491 -25.95 -8.24 -44.97
C PRO A 491 -26.27 -6.85 -44.44
N LEU A 492 -25.50 -5.83 -44.81
CA LEU A 492 -25.67 -4.49 -44.27
C LEU A 492 -26.31 -3.58 -45.31
N GLN A 493 -27.32 -2.83 -44.88
CA GLN A 493 -28.00 -1.87 -45.75
C GLN A 493 -28.45 -0.68 -44.92
N SER A 494 -28.67 0.43 -45.60
CA SER A 494 -28.99 1.69 -44.94
C SER A 494 -30.45 1.74 -44.50
N TYR A 495 -30.68 2.46 -43.40
CA TYR A 495 -32.04 2.66 -42.91
C TYR A 495 -32.87 3.48 -43.88
N GLY A 496 -32.36 4.63 -44.30
CA GLY A 496 -33.13 5.55 -45.14
C GLY A 496 -34.02 6.49 -44.33
N PHE A 497 -33.41 7.22 -43.40
CA PHE A 497 -34.15 8.14 -42.54
C PHE A 497 -34.71 9.31 -43.34
N GLN A 498 -35.96 9.65 -43.06
CA GLN A 498 -36.64 10.77 -43.69
C GLN A 498 -37.76 11.24 -42.76
N PRO A 499 -37.79 12.53 -42.41
CA PRO A 499 -38.84 13.01 -41.50
C PRO A 499 -40.21 13.15 -42.13
N THR A 500 -40.40 12.72 -43.38
CA THR A 500 -41.67 12.88 -44.08
C THR A 500 -42.54 11.63 -44.07
N ASN A 501 -42.09 10.55 -43.44
CA ASN A 501 -42.86 9.32 -43.39
C ASN A 501 -43.74 9.29 -42.13
N GLY A 502 -44.38 8.15 -41.88
CA GLY A 502 -45.29 8.02 -40.77
C GLY A 502 -44.60 7.76 -39.46
N VAL A 503 -45.42 7.48 -38.44
CA VAL A 503 -44.90 7.27 -37.09
C VAL A 503 -44.08 5.99 -37.02
N GLY A 504 -44.52 4.93 -37.69
CA GLY A 504 -43.85 3.65 -37.58
C GLY A 504 -42.41 3.69 -38.07
N TYR A 505 -42.17 4.41 -39.17
CA TYR A 505 -40.82 4.49 -39.72
C TYR A 505 -39.91 5.42 -38.92
N GLN A 506 -40.47 6.23 -38.02
CA GLN A 506 -39.67 7.19 -37.26
C GLN A 506 -38.69 6.45 -36.33
N PRO A 507 -37.53 7.03 -36.07
CA PRO A 507 -36.56 6.37 -35.20
C PRO A 507 -36.86 6.58 -33.73
N TYR A 508 -36.27 5.71 -32.90
CA TYR A 508 -36.35 5.83 -31.46
C TYR A 508 -35.01 5.40 -30.86
N ARG A 509 -34.55 6.18 -29.88
CA ARG A 509 -33.40 5.84 -29.07
C ARG A 509 -33.78 4.76 -28.07
N VAL A 510 -32.93 3.74 -27.94
CA VAL A 510 -33.17 2.63 -27.02
C VAL A 510 -31.93 2.47 -26.15
N VAL A 511 -32.15 2.37 -24.84
CA VAL A 511 -31.09 2.19 -23.86
C VAL A 511 -31.49 1.06 -22.92
N VAL A 512 -30.57 0.13 -22.68
CA VAL A 512 -30.81 -1.01 -21.81
C VAL A 512 -29.86 -0.93 -20.63
N LEU A 513 -30.40 -0.95 -19.42
CA LEU A 513 -29.63 -1.04 -18.19
C LEU A 513 -29.77 -2.45 -17.63
N SER A 514 -28.64 -3.09 -17.37
CA SER A 514 -28.60 -4.43 -16.80
C SER A 514 -28.08 -4.37 -15.37
N PHE A 515 -28.41 -5.41 -14.62
CA PHE A 515 -28.03 -5.51 -13.21
C PHE A 515 -27.48 -6.90 -12.94
N GLU A 516 -26.61 -7.00 -11.94
CA GLU A 516 -26.09 -8.29 -11.53
C GLU A 516 -25.75 -8.25 -10.05
N LEU A 517 -25.73 -9.43 -9.43
CA LEU A 517 -25.42 -9.55 -8.01
C LEU A 517 -24.64 -10.83 -7.79
N LEU A 518 -23.55 -10.73 -7.05
CA LEU A 518 -22.69 -11.87 -6.74
C LEU A 518 -22.29 -11.79 -5.26
N HIS A 519 -21.54 -12.80 -4.81
CA HIS A 519 -21.04 -12.82 -3.44
C HIS A 519 -19.73 -12.03 -3.40
N ALA A 520 -19.87 -10.71 -3.36
CA ALA A 520 -18.76 -9.78 -3.35
C ALA A 520 -19.24 -8.46 -2.77
N PRO A 521 -18.34 -7.63 -2.25
CA PRO A 521 -18.78 -6.35 -1.68
C PRO A 521 -19.48 -5.48 -2.72
N ALA A 522 -20.52 -4.79 -2.28
CA ALA A 522 -21.27 -3.92 -3.17
C ALA A 522 -20.45 -2.70 -3.57
N THR A 523 -20.62 -2.27 -4.81
CA THR A 523 -19.89 -1.12 -5.34
C THR A 523 -20.79 0.08 -5.61
N VAL A 524 -21.91 -0.11 -6.30
CA VAL A 524 -22.86 0.95 -6.60
C VAL A 524 -24.09 0.76 -5.74
N CYS A 525 -24.50 1.81 -5.03
CA CYS A 525 -25.64 1.73 -4.14
C CYS A 525 -26.59 2.90 -4.34
N GLY A 526 -27.59 3.02 -3.47
CA GLY A 526 -28.57 4.06 -3.58
C GLY A 526 -28.33 5.21 -2.63
N PRO A 527 -29.21 6.21 -2.66
CA PRO A 527 -29.06 7.37 -1.76
C PRO A 527 -29.33 7.03 -0.30
N LYS A 528 -29.36 8.07 0.53
CA LYS A 528 -29.64 8.03 1.98
C LYS A 528 -28.42 7.52 2.75
N LYS A 529 -28.20 8.10 3.93
CA LYS A 529 -26.97 7.94 4.70
C LYS A 529 -27.12 6.82 5.72
N SER A 530 -26.15 6.71 6.61
CA SER A 530 -26.07 5.67 7.63
C SER A 530 -26.14 6.29 9.02
N THR A 531 -26.31 5.42 10.02
CA THR A 531 -26.40 5.85 11.41
C THR A 531 -25.49 4.96 12.27
N ASN A 532 -25.26 5.41 13.49
CA ASN A 532 -24.47 4.64 14.43
C ASN A 532 -25.19 3.35 14.80
N LEU A 533 -24.42 2.31 15.07
CA LEU A 533 -24.95 0.98 15.37
C LEU A 533 -25.00 0.76 16.88
N VAL A 534 -25.91 -0.12 17.30
CA VAL A 534 -26.11 -0.45 18.70
C VAL A 534 -26.13 -1.97 18.84
N LYS A 535 -25.88 -2.42 20.07
CA LYS A 535 -25.77 -3.86 20.36
C LYS A 535 -26.57 -4.20 21.61
N ASN A 536 -26.80 -5.50 21.79
CA ASN A 536 -27.47 -6.06 22.95
C ASN A 536 -28.92 -5.58 23.08
N LYS A 537 -29.56 -5.28 21.95
CA LYS A 537 -30.96 -4.88 21.92
C LYS A 537 -31.62 -5.50 20.70
N CYS A 538 -32.94 -5.70 20.79
CA CYS A 538 -33.70 -6.18 19.63
C CYS A 538 -33.99 -4.99 18.74
N VAL A 539 -33.30 -4.93 17.61
CA VAL A 539 -33.32 -3.79 16.70
C VAL A 539 -33.57 -4.31 15.29
N ASN A 540 -34.20 -3.45 14.48
CA ASN A 540 -34.42 -3.69 13.06
C ASN A 540 -33.27 -3.08 12.28
N PHE A 541 -32.58 -3.90 11.48
CA PHE A 541 -31.35 -3.51 10.81
C PHE A 541 -31.46 -3.71 9.30
N ASN A 542 -30.66 -2.93 8.57
CA ASN A 542 -30.57 -3.01 7.11
C ASN A 542 -29.09 -2.83 6.74
N PHE A 543 -28.44 -3.93 6.39
CA PHE A 543 -27.04 -3.92 5.96
C PHE A 543 -26.97 -4.21 4.46
N ASN A 544 -26.63 -3.18 3.69
CA ASN A 544 -26.36 -3.31 2.25
C ASN A 544 -27.51 -4.01 1.52
N GLY A 545 -28.74 -3.57 1.82
CA GLY A 545 -29.91 -4.15 1.19
C GLY A 545 -30.41 -5.43 1.80
N LEU A 546 -29.86 -5.85 2.94
CA LEU A 546 -30.33 -7.03 3.66
C LEU A 546 -31.03 -6.56 4.92
N THR A 547 -32.34 -6.85 5.01
CA THR A 547 -33.17 -6.40 6.12
C THR A 547 -33.40 -7.54 7.11
N GLY A 548 -33.50 -7.18 8.37
CA GLY A 548 -33.79 -8.19 9.39
C GLY A 548 -34.11 -7.54 10.72
N THR A 549 -34.54 -8.36 11.66
CA THR A 549 -34.80 -7.94 13.04
C THR A 549 -34.14 -8.92 13.98
N GLY A 550 -33.48 -8.40 15.01
CA GLY A 550 -32.83 -9.27 15.97
C GLY A 550 -31.89 -8.50 16.86
N VAL A 551 -31.12 -9.25 17.65
CA VAL A 551 -30.14 -8.69 18.57
C VAL A 551 -28.76 -8.86 17.96
N LEU A 552 -28.02 -7.76 17.86
CA LEU A 552 -26.67 -7.75 17.29
C LEU A 552 -25.67 -7.85 18.43
N THR A 553 -24.81 -8.87 18.38
CA THR A 553 -23.79 -9.07 19.39
C THR A 553 -22.46 -9.38 18.70
N GLU A 554 -21.43 -9.59 19.51
CA GLU A 554 -20.10 -9.90 19.00
C GLU A 554 -19.86 -11.40 19.01
N SER A 555 -19.33 -11.92 17.89
CA SER A 555 -19.08 -13.35 17.75
C SER A 555 -17.67 -13.54 17.18
N ASN A 556 -17.32 -14.80 16.93
CA ASN A 556 -16.02 -15.16 16.39
C ASN A 556 -16.18 -16.36 15.46
N LYS A 557 -15.97 -16.14 14.17
CA LYS A 557 -15.96 -17.22 13.19
C LYS A 557 -15.07 -16.83 12.03
N LYS A 558 -14.62 -17.84 11.28
CA LYS A 558 -13.78 -17.59 10.12
C LYS A 558 -14.60 -16.97 9.00
N PHE A 559 -14.10 -15.86 8.46
CA PHE A 559 -14.71 -15.20 7.32
C PHE A 559 -13.65 -14.96 6.27
N LEU A 560 -13.86 -15.49 5.07
CA LEU A 560 -12.94 -15.27 3.97
C LEU A 560 -12.88 -13.78 3.65
N PRO A 561 -11.76 -13.29 3.11
CA PRO A 561 -11.58 -11.84 2.97
C PRO A 561 -12.64 -11.16 2.13
N PHE A 562 -13.28 -11.88 1.20
CA PHE A 562 -14.25 -11.28 0.30
C PHE A 562 -15.69 -11.66 0.59
N GLN A 563 -15.93 -12.80 1.24
CA GLN A 563 -17.30 -13.21 1.54
C GLN A 563 -17.95 -12.22 2.49
N GLN A 564 -19.20 -11.84 2.17
CA GLN A 564 -19.89 -10.76 2.87
C GLN A 564 -20.72 -11.26 4.04
N PHE A 565 -21.67 -12.15 3.78
CA PHE A 565 -22.56 -12.66 4.81
C PHE A 565 -22.50 -14.17 4.85
N GLY A 566 -22.47 -14.72 6.07
CA GLY A 566 -22.50 -16.15 6.25
C GLY A 566 -23.79 -16.60 6.91
N ARG A 567 -24.21 -17.82 6.65
CA ARG A 567 -25.49 -18.31 7.14
C ARG A 567 -25.33 -19.63 7.86
N ASP A 568 -26.17 -19.83 8.87
CA ASP A 568 -26.24 -21.07 9.62
C ASP A 568 -27.10 -22.05 8.82
N ILE A 569 -27.17 -23.31 9.28
CA ILE A 569 -27.99 -24.30 8.60
C ILE A 569 -29.45 -23.82 8.54
N ALA A 570 -30.18 -24.32 7.54
CA ALA A 570 -31.59 -23.99 7.31
C ALA A 570 -31.78 -22.53 6.89
N ASP A 571 -30.87 -22.04 6.05
CA ASP A 571 -31.01 -20.76 5.33
C ASP A 571 -31.37 -19.60 6.27
N THR A 572 -30.77 -19.59 7.46
CA THR A 572 -30.95 -18.51 8.41
C THR A 572 -29.64 -17.72 8.52
N THR A 573 -29.70 -16.43 8.23
CA THR A 573 -28.51 -15.58 8.33
C THR A 573 -28.10 -15.45 9.78
N ASP A 574 -26.90 -15.92 10.10
CA ASP A 574 -26.39 -15.95 11.47
C ASP A 574 -25.38 -14.84 11.76
N ALA A 575 -24.49 -14.55 10.81
CA ALA A 575 -23.47 -13.53 11.00
C ALA A 575 -23.40 -12.63 9.77
N VAL A 576 -23.14 -11.35 10.00
CA VAL A 576 -23.00 -10.38 8.93
C VAL A 576 -21.75 -9.55 9.15
N ARG A 577 -21.11 -9.15 8.05
CA ARG A 577 -19.91 -8.35 8.10
C ARG A 577 -20.28 -6.88 7.91
N ASP A 578 -19.97 -6.06 8.90
CA ASP A 578 -20.36 -4.66 8.88
C ASP A 578 -19.45 -3.89 7.93
N PRO A 579 -20.00 -3.14 6.97
CA PRO A 579 -19.16 -2.28 6.13
C PRO A 579 -18.57 -1.13 6.94
N GLN A 580 -17.55 -0.49 6.36
CA GLN A 580 -16.87 0.68 6.91
C GLN A 580 -16.00 0.31 8.11
N THR A 581 -16.06 -0.96 8.53
CA THR A 581 -15.29 -1.43 9.68
C THR A 581 -14.75 -2.84 9.51
N LEU A 582 -15.37 -3.66 8.65
CA LEU A 582 -14.98 -5.06 8.46
C LEU A 582 -15.16 -5.88 9.73
N GLU A 583 -16.03 -5.40 10.63
CA GLU A 583 -16.37 -6.12 11.85
C GLU A 583 -17.38 -7.21 11.54
N ILE A 584 -17.41 -8.23 12.40
CA ILE A 584 -18.31 -9.36 12.28
C ILE A 584 -19.33 -9.30 13.42
N LEU A 585 -20.61 -9.35 13.09
CA LEU A 585 -21.68 -9.25 14.06
C LEU A 585 -22.58 -10.47 13.97
N ASP A 586 -23.09 -10.90 15.11
CA ASP A 586 -23.93 -12.09 15.23
C ASP A 586 -25.37 -11.67 15.50
N ILE A 587 -26.31 -12.36 14.85
CA ILE A 587 -27.73 -12.05 14.92
C ILE A 587 -28.41 -13.13 15.76
N THR A 588 -29.10 -12.71 16.81
CA THR A 588 -29.86 -13.62 17.66
C THR A 588 -31.33 -13.22 17.66
N PRO A 589 -32.25 -14.14 17.39
CA PRO A 589 -33.67 -13.77 17.37
C PRO A 589 -34.15 -13.35 18.76
N CYS A 590 -34.58 -12.09 18.87
CA CYS A 590 -35.09 -11.60 20.14
C CYS A 590 -36.44 -12.24 20.43
N SER A 591 -36.62 -12.72 21.66
CA SER A 591 -37.85 -13.41 22.02
C SER A 591 -38.63 -12.61 23.06
N GLN B 1 11.47 -16.66 -11.66
CA GLN B 1 10.34 -17.49 -11.24
C GLN B 1 9.86 -17.08 -9.85
N VAL B 2 8.55 -17.26 -9.63
CA VAL B 2 7.82 -16.87 -8.41
C VAL B 2 8.44 -15.63 -7.76
N GLN B 3 8.52 -14.53 -8.51
CA GLN B 3 9.15 -13.33 -8.01
C GLN B 3 8.34 -12.11 -8.42
N LEU B 4 8.43 -11.06 -7.60
CA LEU B 4 7.80 -9.78 -7.89
C LEU B 4 8.86 -8.69 -7.84
N VAL B 5 8.75 -7.72 -8.74
CA VAL B 5 9.68 -6.60 -8.80
C VAL B 5 8.89 -5.31 -8.91
N GLN B 6 9.42 -4.24 -8.32
CA GLN B 6 8.71 -2.97 -8.25
C GLN B 6 9.55 -1.86 -8.91
N SER B 7 9.05 -0.63 -8.81
CA SER B 7 9.69 0.52 -9.42
C SER B 7 10.71 1.13 -8.46
N GLY B 8 11.20 2.32 -8.78
CA GLY B 8 12.22 2.98 -7.99
C GLY B 8 11.66 3.93 -6.95
N ALA B 9 12.56 4.55 -6.21
CA ALA B 9 12.19 5.46 -5.14
C ALA B 9 11.63 6.76 -5.71
N GLU B 10 10.79 7.43 -4.90
CA GLU B 10 10.16 8.67 -5.29
C GLU B 10 10.22 9.68 -4.14
N VAL B 11 10.38 10.95 -4.48
CA VAL B 11 10.34 12.05 -3.53
C VAL B 11 9.43 13.14 -4.10
N LYS B 12 8.39 13.51 -3.35
CA LYS B 12 7.43 14.47 -3.87
C LYS B 12 6.94 15.40 -2.75
N LYS B 13 6.41 16.54 -3.18
CA LYS B 13 5.85 17.55 -2.31
C LYS B 13 4.50 17.08 -1.77
N PRO B 14 4.06 17.58 -0.61
CA PRO B 14 2.74 17.22 -0.10
C PRO B 14 1.63 17.67 -1.06
N GLY B 15 0.58 16.86 -1.13
CA GLY B 15 -0.57 17.12 -1.98
C GLY B 15 -0.57 16.35 -3.28
N ALA B 16 0.56 15.81 -3.70
CA ALA B 16 0.65 15.05 -4.94
C ALA B 16 0.21 13.61 -4.72
N SER B 17 0.21 12.84 -5.80
CA SER B 17 -0.20 11.44 -5.78
C SER B 17 1.00 10.54 -6.04
N VAL B 18 0.81 9.24 -5.77
CA VAL B 18 1.88 8.25 -5.90
C VAL B 18 1.32 7.03 -6.61
N LYS B 19 2.09 6.49 -7.56
CA LYS B 19 1.75 5.26 -8.25
C LYS B 19 2.92 4.29 -8.14
N VAL B 20 2.64 3.06 -7.73
CA VAL B 20 3.66 2.03 -7.56
C VAL B 20 3.19 0.79 -8.30
N SER B 21 4.10 0.17 -9.06
CA SER B 21 3.78 -1.01 -9.86
C SER B 21 4.48 -2.23 -9.26
N CYS B 22 3.76 -3.36 -9.20
CA CYS B 22 4.30 -4.61 -8.67
C CYS B 22 4.18 -5.67 -9.76
N LYS B 23 5.20 -5.74 -10.62
CA LYS B 23 5.21 -6.70 -11.72
C LYS B 23 5.49 -8.10 -11.19
N ALA B 24 4.70 -9.07 -11.63
CA ALA B 24 4.78 -10.44 -11.15
C ALA B 24 5.24 -11.37 -12.28
N SER B 25 5.94 -12.44 -11.91
CA SER B 25 6.44 -13.41 -12.88
C SER B 25 6.68 -14.76 -12.22
N GLY B 26 6.31 -15.84 -12.92
CA GLY B 26 6.62 -17.18 -12.46
C GLY B 26 5.44 -18.11 -12.31
N TYR B 27 4.32 -17.59 -11.83
CA TYR B 27 3.15 -18.40 -11.52
C TYR B 27 1.98 -18.01 -12.43
N THR B 28 0.80 -18.60 -12.19
CA THR B 28 -0.42 -18.24 -12.89
C THR B 28 -0.97 -16.99 -12.22
N PHE B 29 -0.97 -15.87 -12.95
CA PHE B 29 -1.26 -14.56 -12.37
C PHE B 29 -2.67 -14.46 -11.81
N THR B 30 -3.59 -15.31 -12.27
CA THR B 30 -4.99 -15.15 -11.89
C THR B 30 -5.47 -16.31 -11.04
N SER B 31 -4.65 -16.74 -10.08
CA SER B 31 -5.04 -17.79 -9.15
C SER B 31 -4.72 -17.46 -7.71
N PHE B 32 -4.05 -16.35 -7.42
CA PHE B 32 -3.67 -15.96 -6.07
C PHE B 32 -4.01 -14.49 -5.85
N TYR B 33 -4.12 -14.10 -4.59
CA TYR B 33 -4.44 -12.74 -4.19
C TYR B 33 -3.15 -11.93 -4.12
N ILE B 34 -3.28 -10.67 -3.68
CA ILE B 34 -2.10 -9.84 -3.45
C ILE B 34 -2.44 -8.70 -2.49
N HIS B 35 -1.59 -8.51 -1.50
CA HIS B 35 -1.74 -7.48 -0.48
C HIS B 35 -0.57 -6.51 -0.56
N TRP B 36 -0.77 -5.33 0.02
CA TRP B 36 0.27 -4.29 0.11
C TRP B 36 0.49 -3.93 1.56
N VAL B 37 1.75 -3.83 1.97
CA VAL B 37 2.10 -3.43 3.33
C VAL B 37 3.10 -2.28 3.27
N ARG B 38 3.19 -1.54 4.36
CA ARG B 38 4.07 -0.39 4.45
C ARG B 38 4.80 -0.42 5.78
N GLN B 39 5.96 0.25 5.82
CA GLN B 39 6.81 0.26 7.00
C GLN B 39 7.38 1.66 7.20
N ALA B 40 6.98 2.31 8.28
CA ALA B 40 7.54 3.59 8.64
C ALA B 40 8.99 3.41 9.08
N PRO B 41 9.81 4.47 9.01
CA PRO B 41 11.21 4.33 9.42
C PRO B 41 11.35 4.16 10.93
N GLY B 42 11.68 2.95 11.37
CA GLY B 42 11.84 2.66 12.78
C GLY B 42 10.60 2.17 13.49
N GLN B 43 9.52 1.89 12.77
CA GLN B 43 8.27 1.41 13.36
C GLN B 43 7.94 0.02 12.83
N GLY B 44 6.81 -0.50 13.28
CA GLY B 44 6.37 -1.82 12.90
C GLY B 44 5.64 -1.83 11.56
N LEU B 45 5.35 -3.04 11.11
CA LEU B 45 4.69 -3.23 9.82
C LEU B 45 3.19 -2.94 9.92
N GLU B 46 2.58 -2.65 8.77
CA GLU B 46 1.16 -2.36 8.72
C GLU B 46 0.48 -3.16 7.61
N TRP B 47 -0.79 -2.87 7.34
CA TRP B 47 -1.55 -3.54 6.29
C TRP B 47 -2.50 -2.52 5.69
N MET B 48 -2.53 -2.42 4.36
CA MET B 48 -3.25 -1.32 3.73
C MET B 48 -4.09 -1.72 2.52
N GLY B 49 -4.39 -2.99 2.32
CA GLY B 49 -5.29 -3.34 1.25
C GLY B 49 -5.15 -4.78 0.81
N ILE B 50 -6.00 -5.15 -0.14
CA ILE B 50 -6.02 -6.50 -0.72
C ILE B 50 -6.71 -6.39 -2.07
N ILE B 51 -6.26 -7.20 -3.03
CA ILE B 51 -6.91 -7.26 -4.33
C ILE B 51 -6.61 -8.61 -4.96
N ASP B 52 -7.55 -9.10 -5.76
CA ASP B 52 -7.35 -10.35 -6.47
C ASP B 52 -7.60 -10.15 -7.95
N PRO B 53 -6.89 -10.89 -8.80
CA PRO B 53 -7.17 -10.83 -10.24
C PRO B 53 -8.51 -11.46 -10.58
N SER B 54 -8.84 -11.41 -11.87
CA SER B 54 -10.13 -11.89 -12.40
C SER B 54 -11.30 -11.11 -11.81
N GLY B 55 -11.06 -9.88 -11.39
CA GLY B 55 -12.10 -9.02 -10.85
C GLY B 55 -12.41 -9.34 -9.41
N GLY B 56 -12.53 -8.31 -8.58
CA GLY B 56 -12.84 -8.54 -7.18
C GLY B 56 -12.71 -7.28 -6.35
N SER B 57 -12.72 -7.48 -5.05
CA SER B 57 -12.74 -6.36 -4.10
C SER B 57 -11.41 -5.64 -4.06
N THR B 58 -11.45 -4.42 -3.54
CA THR B 58 -10.27 -3.66 -3.11
C THR B 58 -10.59 -3.14 -1.71
N SER B 59 -10.33 -3.98 -0.71
CA SER B 59 -10.76 -3.71 0.67
C SER B 59 -9.65 -3.02 1.45
N TYR B 60 -10.03 -2.07 2.29
CA TYR B 60 -9.11 -1.26 3.07
C TYR B 60 -9.54 -1.23 4.53
N PRO B 61 -8.62 -0.93 5.44
CA PRO B 61 -9.01 -0.63 6.82
C PRO B 61 -9.73 0.71 6.91
N GLN B 62 -10.09 1.13 8.13
CA GLN B 62 -10.89 2.33 8.28
C GLN B 62 -10.14 3.59 7.84
N LYS B 63 -8.86 3.71 8.20
CA LYS B 63 -8.12 4.93 7.91
C LYS B 63 -7.65 5.03 6.47
N PHE B 64 -7.79 3.96 5.68
CA PHE B 64 -7.39 3.97 4.27
C PHE B 64 -8.58 3.77 3.35
N GLN B 65 -9.81 4.00 3.84
CA GLN B 65 -11.00 3.68 3.06
C GLN B 65 -11.15 4.61 1.86
N GLY B 66 -11.03 5.91 2.08
CA GLY B 66 -11.30 6.87 1.02
C GLY B 66 -10.07 7.51 0.41
N ARG B 67 -8.89 6.94 0.65
CA ARG B 67 -7.65 7.52 0.15
C ARG B 67 -6.97 6.65 -0.90
N VAL B 68 -6.69 5.39 -0.59
CA VAL B 68 -5.94 4.54 -1.51
C VAL B 68 -6.88 3.98 -2.55
N THR B 69 -6.35 3.74 -3.75
CA THR B 69 -7.08 3.11 -4.84
C THR B 69 -6.15 2.11 -5.51
N MET B 70 -6.56 0.85 -5.54
CA MET B 70 -5.71 -0.26 -5.99
C MET B 70 -6.33 -0.89 -7.22
N THR B 71 -5.76 -0.58 -8.38
CA THR B 71 -6.28 -1.08 -9.65
C THR B 71 -5.69 -2.46 -9.96
N ARG B 72 -6.05 -3.00 -11.12
CA ARG B 72 -5.59 -4.31 -11.55
C ARG B 72 -5.37 -4.28 -13.06
N ASP B 73 -4.41 -5.08 -13.51
CA ASP B 73 -4.14 -5.24 -14.93
C ASP B 73 -3.84 -6.69 -15.23
N THR B 74 -4.19 -7.12 -16.44
CA THR B 74 -3.94 -8.47 -16.92
C THR B 74 -2.99 -8.38 -18.11
N SER B 75 -2.62 -9.55 -18.66
CA SER B 75 -1.67 -9.65 -19.77
C SER B 75 -0.31 -9.10 -19.37
N THR B 76 -0.25 -7.78 -19.12
CA THR B 76 0.96 -7.20 -18.54
C THR B 76 1.22 -7.70 -17.13
N SER B 77 0.18 -8.14 -16.42
CA SER B 77 0.30 -8.73 -15.08
C SER B 77 0.98 -7.77 -14.10
N THR B 78 0.32 -6.64 -13.87
CA THR B 78 0.81 -5.62 -12.97
C THR B 78 -0.31 -5.15 -12.06
N VAL B 79 0.07 -4.58 -10.91
CA VAL B 79 -0.86 -4.01 -9.95
C VAL B 79 -0.40 -2.60 -9.63
N TYR B 80 -1.34 -1.76 -9.20
CA TYR B 80 -1.06 -0.35 -8.94
C TYR B 80 -1.63 0.05 -7.58
N MET B 81 -1.05 1.09 -6.99
CA MET B 81 -1.39 1.51 -5.64
C MET B 81 -1.56 3.03 -5.61
N ASP B 82 -2.39 3.56 -6.51
CA ASP B 82 -2.66 4.99 -6.55
C ASP B 82 -3.03 5.53 -5.17
N LEU B 83 -2.19 6.42 -4.64
CA LEU B 83 -2.37 7.00 -3.32
C LEU B 83 -2.45 8.52 -3.45
N SER B 84 -3.40 9.14 -2.76
CA SER B 84 -3.67 10.55 -2.90
C SER B 84 -3.64 11.24 -1.55
N SER B 85 -3.50 12.57 -1.58
CA SER B 85 -3.48 13.42 -0.39
C SER B 85 -2.35 13.03 0.56
N LEU B 86 -1.12 13.18 0.06
CA LEU B 86 0.06 12.88 0.85
C LEU B 86 0.20 13.84 2.02
N ARG B 87 0.77 13.34 3.12
CA ARG B 87 1.09 14.16 4.28
C ARG B 87 2.55 13.91 4.66
N SER B 88 3.00 14.60 5.71
CA SER B 88 4.39 14.52 6.11
C SER B 88 4.74 13.21 6.82
N GLU B 89 3.75 12.44 7.25
CA GLU B 89 3.99 11.19 7.96
C GLU B 89 3.86 9.98 7.06
N ASP B 90 4.11 10.13 5.75
CA ASP B 90 3.93 9.03 4.81
C ASP B 90 5.27 8.50 4.31
N THR B 91 6.38 9.18 4.62
CA THR B 91 7.70 8.70 4.22
C THR B 91 7.93 7.28 4.73
N ALA B 92 8.01 6.32 3.81
CA ALA B 92 8.04 4.92 4.23
C ALA B 92 8.57 4.05 3.10
N VAL B 93 8.51 2.74 3.30
CA VAL B 93 8.90 1.74 2.32
C VAL B 93 7.71 0.82 2.10
N TYR B 94 7.36 0.58 0.84
CA TYR B 94 6.17 -0.18 0.48
C TYR B 94 6.56 -1.51 -0.12
N TYR B 95 5.90 -2.58 0.34
CA TYR B 95 6.10 -3.94 -0.13
C TYR B 95 4.80 -4.49 -0.68
N CYS B 96 4.90 -5.31 -1.72
CA CYS B 96 3.76 -6.03 -2.28
C CYS B 96 3.99 -7.52 -2.14
N THR B 97 3.02 -8.22 -1.54
CA THR B 97 3.14 -9.64 -1.29
C THR B 97 1.93 -10.36 -1.86
N ARG B 98 2.01 -11.67 -1.97
CA ARG B 98 0.87 -12.48 -2.41
C ARG B 98 0.47 -13.45 -1.31
N ASP B 99 -0.64 -14.14 -1.54
CA ASP B 99 -1.24 -14.97 -0.49
C ASP B 99 -0.54 -16.32 -0.41
N GLY B 100 -0.74 -17.17 -1.42
CA GLY B 100 -0.12 -18.49 -1.39
C GLY B 100 -0.93 -19.56 -0.70
N SER B 101 -1.15 -20.68 -1.41
CA SER B 101 -1.82 -21.90 -0.94
C SER B 101 -3.33 -21.74 -0.82
N ALA B 102 -3.91 -20.65 -1.31
CA ALA B 102 -5.36 -20.47 -1.39
C ALA B 102 -6.05 -20.59 -0.03
N GLY B 103 -7.37 -20.70 -0.04
CA GLY B 103 -8.13 -20.78 1.20
C GLY B 103 -8.08 -19.46 1.97
N ASP B 104 -8.25 -19.57 3.29
CA ASP B 104 -8.04 -18.44 4.18
C ASP B 104 -6.62 -18.55 4.71
N ASN B 105 -5.71 -17.82 4.09
CA ASN B 105 -4.29 -17.98 4.36
C ASN B 105 -3.58 -16.67 4.04
N SER B 106 -2.50 -16.40 4.76
CA SER B 106 -1.71 -15.20 4.50
C SER B 106 -0.33 -15.52 3.97
N TRP B 107 0.52 -16.22 4.74
CA TRP B 107 1.81 -16.73 4.29
C TRP B 107 2.52 -15.82 3.29
N PHE B 108 2.83 -14.58 3.67
CA PHE B 108 3.38 -13.62 2.72
C PHE B 108 4.78 -14.10 2.36
N ASP B 109 4.84 -15.11 1.48
CA ASP B 109 6.11 -15.73 1.15
C ASP B 109 6.96 -14.86 0.22
N PRO B 110 6.54 -14.58 -1.04
CA PRO B 110 7.44 -13.86 -1.96
C PRO B 110 7.29 -12.33 -1.92
N TRP B 111 7.89 -11.71 -0.91
CA TRP B 111 7.86 -10.26 -0.82
C TRP B 111 8.63 -9.63 -1.98
N GLY B 112 8.23 -8.43 -2.35
CA GLY B 112 8.98 -7.64 -3.30
C GLY B 112 10.10 -6.88 -2.63
N GLN B 113 10.89 -6.18 -3.44
CA GLN B 113 12.01 -5.41 -2.91
C GLN B 113 11.55 -4.15 -2.19
N GLY B 114 10.35 -3.67 -2.47
CA GLY B 114 9.83 -2.48 -1.81
C GLY B 114 10.41 -1.20 -2.35
N THR B 115 9.59 -0.14 -2.42
CA THR B 115 10.04 1.15 -2.89
C THR B 115 9.96 2.18 -1.78
N LEU B 116 10.88 3.15 -1.81
CA LEU B 116 10.95 4.18 -0.79
C LEU B 116 10.23 5.43 -1.29
N VAL B 117 9.33 5.96 -0.48
CA VAL B 117 8.56 7.15 -0.81
C VAL B 117 8.83 8.21 0.24
N THR B 118 9.24 9.39 -0.20
CA THR B 118 9.56 10.52 0.66
C THR B 118 8.63 11.68 0.33
N VAL B 119 8.10 12.33 1.35
CA VAL B 119 7.23 13.48 1.20
C VAL B 119 7.83 14.63 1.99
N SER B 120 8.23 15.69 1.29
CA SER B 120 8.90 16.81 1.94
C SER B 120 8.77 18.05 1.06
N SER B 121 9.03 19.20 1.65
CA SER B 121 8.92 20.49 0.97
C SER B 121 10.26 21.09 0.61
N ALA B 122 11.37 20.41 0.88
CA ALA B 122 12.68 20.95 0.57
C ALA B 122 13.01 20.78 -0.90
N SER B 123 14.21 21.23 -1.28
CA SER B 123 14.67 21.15 -2.65
C SER B 123 16.05 20.50 -2.71
N THR B 124 16.32 19.83 -3.83
CA THR B 124 17.59 19.12 -4.00
C THR B 124 18.75 20.09 -4.01
N LYS B 125 19.82 19.74 -3.30
CA LYS B 125 21.03 20.55 -3.28
C LYS B 125 22.20 19.67 -2.89
N GLY B 126 23.41 20.15 -3.18
CA GLY B 126 24.62 19.40 -2.93
C GLY B 126 25.15 19.56 -1.52
N PRO B 127 25.89 18.57 -1.04
CA PRO B 127 26.41 18.62 0.33
C PRO B 127 27.63 19.52 0.46
N SER B 128 27.96 19.84 1.71
CA SER B 128 29.16 20.59 2.05
C SER B 128 30.03 19.76 2.97
N VAL B 129 31.33 19.73 2.70
CA VAL B 129 32.26 18.86 3.40
C VAL B 129 33.28 19.72 4.14
N PHE B 130 33.56 19.38 5.38
CA PHE B 130 34.51 20.07 6.23
C PHE B 130 35.36 19.06 6.98
N PRO B 131 36.57 19.45 7.38
CA PRO B 131 37.40 18.55 8.18
C PRO B 131 37.20 18.81 9.67
N LEU B 132 37.68 17.86 10.48
CA LEU B 132 37.69 18.02 11.93
C LEU B 132 39.15 18.02 12.38
N ALA B 133 39.63 19.18 12.81
CA ALA B 133 41.01 19.31 13.23
C ALA B 133 41.26 18.49 14.49
N PRO B 134 42.32 17.69 14.54
CA PRO B 134 42.59 16.91 15.76
C PRO B 134 43.17 17.75 16.88
N SER B 135 43.56 17.12 17.97
CA SER B 135 44.25 17.78 19.07
C SER B 135 45.72 17.38 19.01
N SER B 136 46.60 18.37 18.86
CA SER B 136 48.03 18.08 18.74
C SER B 136 48.63 17.59 20.05
N LYS B 137 47.97 17.84 21.17
CA LYS B 137 48.46 17.42 22.48
C LYS B 137 47.77 16.15 22.98
N SER B 138 46.94 15.52 22.17
CA SER B 138 46.24 14.30 22.57
C SER B 138 47.10 13.10 22.19
N THR B 139 47.78 12.54 23.19
CA THR B 139 48.63 11.38 22.99
C THR B 139 48.27 10.26 23.95
N SER B 140 46.97 9.92 24.00
CA SER B 140 46.50 8.89 24.92
C SER B 140 47.21 7.57 24.76
N GLY B 141 47.68 7.25 23.55
CA GLY B 141 48.42 6.03 23.33
C GLY B 141 49.07 5.99 21.96
N GLY B 142 49.11 4.82 21.34
CA GLY B 142 49.64 4.69 20.01
C GLY B 142 48.66 4.91 18.89
N THR B 143 47.49 5.48 19.17
CA THR B 143 46.45 5.65 18.18
C THR B 143 45.68 6.94 18.45
N ALA B 144 45.28 7.62 17.38
CA ALA B 144 44.47 8.83 17.44
C ALA B 144 43.36 8.73 16.40
N ALA B 145 42.55 9.78 16.29
CA ALA B 145 41.38 9.77 15.43
C ALA B 145 41.26 11.06 14.63
N LEU B 146 40.80 10.92 13.38
CA LEU B 146 40.52 12.02 12.48
C LEU B 146 39.10 11.86 11.95
N GLY B 147 38.59 12.90 11.28
CA GLY B 147 37.23 12.82 10.78
C GLY B 147 36.89 13.92 9.80
N CYS B 148 35.89 13.66 8.96
CA CYS B 148 35.35 14.65 8.05
C CYS B 148 33.83 14.59 8.08
N LEU B 149 33.20 15.77 7.94
CA LEU B 149 31.80 15.99 8.26
C LEU B 149 31.09 16.56 7.04
N VAL B 150 29.95 15.96 6.69
CA VAL B 150 29.14 16.40 5.56
C VAL B 150 27.83 16.98 6.08
N LYS B 151 27.32 18.01 5.40
CA LYS B 151 26.28 18.87 5.93
C LYS B 151 25.36 19.33 4.80
N ASP B 152 24.06 19.47 5.12
CA ASP B 152 23.10 20.14 4.25
C ASP B 152 23.02 19.49 2.86
N TYR B 153 22.53 18.25 2.86
CA TYR B 153 22.30 17.52 1.63
C TYR B 153 20.89 16.95 1.63
N PHE B 154 20.30 16.83 0.44
CA PHE B 154 18.98 16.26 0.25
C PHE B 154 18.75 15.96 -1.23
N PRO B 155 18.27 14.76 -1.60
CA PRO B 155 17.88 13.63 -0.74
C PRO B 155 19.11 12.86 -0.25
N GLU B 156 18.95 11.65 0.29
CA GLU B 156 19.99 11.11 1.14
C GLU B 156 20.57 9.79 0.67
N PRO B 157 20.76 9.54 -0.63
CA PRO B 157 21.84 8.63 -1.02
C PRO B 157 23.18 9.35 -0.98
N VAL B 158 24.09 8.95 -0.10
CA VAL B 158 25.42 9.56 0.01
C VAL B 158 26.47 8.51 0.29
N THR B 159 27.45 8.38 -0.60
CA THR B 159 28.52 7.42 -0.38
C THR B 159 29.81 8.12 0.01
N VAL B 160 30.34 7.77 1.18
CA VAL B 160 31.58 8.37 1.65
C VAL B 160 32.66 7.30 1.78
N SER B 161 33.88 7.63 1.37
CA SER B 161 35.00 6.71 1.43
C SER B 161 36.25 7.47 1.87
N TRP B 162 37.26 6.71 2.30
CA TRP B 162 38.48 7.25 2.86
C TRP B 162 39.67 6.81 2.01
N ASN B 163 40.43 7.77 1.48
CA ASN B 163 41.65 7.52 0.73
C ASN B 163 41.42 6.62 -0.48
N SER B 164 40.25 6.75 -1.11
CA SER B 164 39.91 6.00 -2.32
C SER B 164 40.06 4.50 -2.13
N GLY B 165 39.61 4.01 -0.96
CA GLY B 165 39.67 2.60 -0.66
C GLY B 165 40.97 2.11 -0.06
N ALA B 166 41.97 2.98 0.09
CA ALA B 166 43.24 2.57 0.70
C ALA B 166 43.05 2.20 2.16
N LEU B 167 42.25 2.98 2.89
CA LEU B 167 42.03 2.76 4.31
C LEU B 167 40.69 2.06 4.52
N THR B 168 40.72 0.92 5.18
CA THR B 168 39.52 0.16 5.46
C THR B 168 39.36 -0.18 6.94
N SER B 169 40.46 -0.49 7.63
CA SER B 169 40.39 -0.84 9.05
C SER B 169 40.27 0.41 9.90
N GLY B 170 39.34 0.41 10.84
CA GLY B 170 39.18 1.52 11.76
C GLY B 170 38.35 2.67 11.24
N VAL B 171 37.44 2.42 10.32
CA VAL B 171 36.55 3.46 9.78
C VAL B 171 35.20 3.36 10.46
N HIS B 172 34.53 4.49 10.62
CA HIS B 172 33.23 4.55 11.26
C HIS B 172 32.39 5.61 10.56
N THR B 173 31.26 5.19 9.99
CA THR B 173 30.31 6.09 9.35
C THR B 173 28.96 5.90 10.02
N PHE B 174 28.42 6.98 10.56
CA PHE B 174 27.22 7.02 11.39
C PHE B 174 25.99 7.31 10.54
N PRO B 175 24.82 6.81 10.95
CA PRO B 175 23.59 7.10 10.20
C PRO B 175 23.23 8.57 10.23
N ALA B 176 22.55 9.01 9.18
CA ALA B 176 22.18 10.41 9.05
C ALA B 176 21.07 10.78 10.04
N VAL B 177 20.98 12.08 10.34
CA VAL B 177 19.98 12.60 11.26
C VAL B 177 19.23 13.73 10.57
N LEU B 178 18.02 13.99 11.07
CA LEU B 178 17.16 15.03 10.54
C LEU B 178 17.34 16.33 11.30
N GLN B 179 17.28 17.44 10.59
CA GLN B 179 17.37 18.76 11.19
C GLN B 179 15.99 19.43 11.16
N SER B 180 15.95 20.68 11.64
CA SER B 180 14.70 21.43 11.62
C SER B 180 14.37 21.94 10.23
N SER B 181 15.38 22.18 9.40
CA SER B 181 15.19 22.74 8.07
C SER B 181 14.97 21.68 6.99
N GLY B 182 14.87 20.41 7.37
CA GLY B 182 14.67 19.37 6.38
C GLY B 182 15.91 18.99 5.61
N LEU B 183 17.10 19.21 6.16
CA LEU B 183 18.35 18.87 5.51
C LEU B 183 19.17 17.96 6.43
N TYR B 184 19.88 17.03 5.83
CA TYR B 184 20.58 15.99 6.58
C TYR B 184 22.03 16.37 6.89
N SER B 185 22.54 15.80 7.97
CA SER B 185 23.94 15.95 8.35
C SER B 185 24.50 14.57 8.71
N LEU B 186 25.81 14.42 8.53
CA LEU B 186 26.46 13.13 8.74
C LEU B 186 27.94 13.39 8.99
N SER B 187 28.59 12.43 9.64
CA SER B 187 30.01 12.54 9.92
C SER B 187 30.66 11.19 9.80
N SER B 188 31.96 11.19 9.46
CA SER B 188 32.72 9.96 9.35
C SER B 188 34.06 10.15 10.06
N VAL B 189 34.52 9.11 10.75
CA VAL B 189 35.76 9.17 11.51
C VAL B 189 36.61 7.94 11.18
N VAL B 190 37.89 8.07 11.48
CA VAL B 190 38.86 7.00 11.24
C VAL B 190 39.92 7.05 12.33
N THR B 191 40.27 5.89 12.85
CA THR B 191 41.28 5.76 13.91
C THR B 191 42.56 5.19 13.31
N VAL B 192 43.65 5.94 13.44
CA VAL B 192 44.92 5.58 12.82
C VAL B 192 46.05 5.71 13.86
N PRO B 193 47.14 4.97 13.70
CA PRO B 193 48.25 5.07 14.66
C PRO B 193 48.75 6.51 14.80
N SER B 194 49.01 6.91 16.05
CA SER B 194 49.45 8.27 16.33
C SER B 194 50.90 8.50 15.95
N SER B 195 51.72 7.45 15.96
CA SER B 195 53.14 7.61 15.65
C SER B 195 53.39 8.03 14.21
N SER B 196 52.43 7.78 13.30
CA SER B 196 52.56 8.14 11.90
C SER B 196 51.60 9.27 11.53
N LEU B 197 51.44 10.24 12.44
CA LEU B 197 50.52 11.35 12.19
C LEU B 197 50.97 12.19 11.01
N GLY B 198 52.27 12.45 10.91
CA GLY B 198 52.79 13.29 9.84
C GLY B 198 53.61 12.53 8.82
N THR B 199 53.15 11.34 8.44
CA THR B 199 53.87 10.50 7.49
C THR B 199 53.15 10.38 6.16
N GLN B 200 51.89 9.98 6.16
CA GLN B 200 51.12 9.78 4.95
C GLN B 200 49.97 10.78 4.86
N THR B 201 49.45 10.93 3.65
CA THR B 201 48.33 11.82 3.39
C THR B 201 47.00 11.12 3.67
N TYR B 202 45.97 11.92 3.95
CA TYR B 202 44.64 11.41 4.22
C TYR B 202 43.61 12.26 3.49
N ILE B 203 42.72 11.60 2.74
CA ILE B 203 41.69 12.27 1.97
C ILE B 203 40.38 11.51 2.14
N CYS B 204 39.29 12.24 2.36
CA CYS B 204 37.96 11.66 2.40
C CYS B 204 37.17 12.19 1.21
N ASN B 205 36.49 11.29 0.49
CA ASN B 205 35.73 11.65 -0.69
C ASN B 205 34.28 11.24 -0.54
N VAL B 206 33.40 12.01 -1.17
CA VAL B 206 31.95 11.85 -1.02
C VAL B 206 31.31 11.98 -2.39
N ASN B 207 30.35 11.10 -2.65
CA ASN B 207 29.59 11.07 -3.90
C ASN B 207 28.11 11.17 -3.58
N HIS B 208 27.42 12.08 -4.27
CA HIS B 208 25.98 12.30 -4.14
C HIS B 208 25.38 12.24 -5.54
N LYS B 209 24.61 11.19 -5.82
CA LYS B 209 24.22 10.91 -7.19
C LYS B 209 23.08 11.81 -7.64
N PRO B 210 21.99 11.96 -6.85
CA PRO B 210 20.97 12.95 -7.16
C PRO B 210 21.51 14.24 -7.75
N SER B 211 22.47 14.85 -7.06
CA SER B 211 23.08 16.10 -7.53
C SER B 211 24.30 15.87 -8.39
N ASN B 212 24.71 14.61 -8.59
CA ASN B 212 25.89 14.26 -9.39
C ASN B 212 27.11 15.09 -8.97
N THR B 213 27.44 15.00 -7.68
CA THR B 213 28.52 15.78 -7.10
C THR B 213 29.53 14.86 -6.42
N LYS B 214 30.80 15.02 -6.79
CA LYS B 214 31.90 14.31 -6.15
C LYS B 214 32.83 15.34 -5.52
N VAL B 215 33.12 15.18 -4.23
CA VAL B 215 33.95 16.13 -3.49
C VAL B 215 35.03 15.36 -2.73
N ASP B 216 36.29 15.70 -2.97
CA ASP B 216 37.42 15.14 -2.24
C ASP B 216 38.02 16.22 -1.35
N LYS B 217 38.40 15.88 -0.12
CA LYS B 217 39.05 16.83 0.80
C LYS B 217 40.07 16.08 1.63
N ARG B 218 40.97 16.79 2.28
CA ARG B 218 42.06 16.08 2.98
C ARG B 218 42.29 16.65 4.37
N VAL B 219 42.03 15.86 5.41
CA VAL B 219 42.17 16.34 6.80
C VAL B 219 43.63 16.27 7.16
N GLU B 220 44.18 17.34 7.71
CA GLU B 220 45.65 17.38 7.97
C GLU B 220 45.96 17.94 9.35
N PRO B 221 47.08 17.53 9.98
CA PRO B 221 47.36 17.94 11.33
C PRO B 221 47.23 19.45 11.45
N LYS B 222 46.99 19.93 12.67
CA LYS B 222 46.81 21.38 12.88
C LYS B 222 48.06 22.00 13.47
N SER B 223 48.69 22.92 12.73
CA SER B 223 49.88 23.65 13.25
C SER B 223 50.70 22.76 14.18
N ASP C 1 -10.56 -5.44 15.63
CA ASP C 1 -9.25 -6.01 15.32
C ASP C 1 -8.65 -6.71 16.53
N ILE C 2 -7.52 -7.38 16.32
CA ILE C 2 -6.81 -8.11 17.36
C ILE C 2 -5.54 -7.33 17.68
N VAL C 3 -5.30 -7.10 18.96
CA VAL C 3 -4.10 -6.39 19.42
C VAL C 3 -3.11 -7.43 19.93
N MET C 4 -1.99 -7.56 19.22
CA MET C 4 -0.96 -8.54 19.55
C MET C 4 0.16 -7.85 20.31
N THR C 5 0.44 -8.33 21.51
CA THR C 5 1.50 -7.79 22.35
C THR C 5 2.62 -8.79 22.46
N GLN C 6 3.85 -8.34 22.19
CA GLN C 6 5.02 -9.20 22.16
C GLN C 6 6.04 -8.71 23.17
N SER C 7 6.46 -9.59 24.07
CA SER C 7 7.41 -9.28 25.13
C SER C 7 8.38 -10.44 25.26
N PRO C 8 9.62 -10.18 25.71
CA PRO C 8 10.21 -8.87 26.08
C PRO C 8 10.53 -8.01 24.87
N ASP C 9 10.66 -6.70 25.05
CA ASP C 9 10.94 -5.81 23.91
C ASP C 9 12.32 -6.07 23.34
N SER C 10 13.33 -6.26 24.20
CA SER C 10 14.69 -6.52 23.74
C SER C 10 15.36 -7.46 24.72
N LEU C 11 16.36 -8.18 24.22
CA LEU C 11 17.08 -9.16 25.03
C LEU C 11 18.49 -9.33 24.49
N ALA C 12 19.38 -9.82 25.35
CA ALA C 12 20.75 -10.10 25.00
C ALA C 12 21.11 -11.50 25.46
N VAL C 13 21.64 -12.31 24.55
CA VAL C 13 21.93 -13.72 24.82
C VAL C 13 23.35 -14.02 24.35
N SER C 14 24.08 -14.79 25.14
CA SER C 14 25.43 -15.21 24.76
C SER C 14 25.35 -16.29 23.68
N LEU C 15 26.52 -16.70 23.20
CA LEU C 15 26.58 -17.70 22.14
C LEU C 15 26.28 -19.09 22.71
N GLY C 16 25.39 -19.81 22.05
CA GLY C 16 25.10 -21.19 22.43
C GLY C 16 24.15 -21.36 23.58
N GLU C 17 23.26 -20.40 23.83
CA GLU C 17 22.29 -20.48 24.89
C GLU C 17 20.86 -20.42 24.33
N ARG C 18 19.89 -20.65 25.22
CA ARG C 18 18.49 -20.57 24.84
C ARG C 18 18.05 -19.11 24.69
N ALA C 19 16.93 -18.93 24.00
CA ALA C 19 16.33 -17.61 23.84
C ALA C 19 14.87 -17.78 23.49
N THR C 20 13.99 -17.11 24.23
CA THR C 20 12.55 -17.26 24.05
C THR C 20 11.91 -15.88 23.92
N ILE C 21 11.00 -15.75 22.95
CA ILE C 21 10.21 -14.54 22.75
C ILE C 21 8.75 -14.96 22.74
N ASN C 22 7.92 -14.23 23.49
CA ASN C 22 6.52 -14.58 23.65
C ASN C 22 5.62 -13.56 22.95
N CYS C 23 4.64 -14.07 22.21
CA CYS C 23 3.69 -13.23 21.47
C CYS C 23 2.28 -13.60 21.91
N LYS C 24 1.60 -12.66 22.55
CA LYS C 24 0.25 -12.87 23.05
C LYS C 24 -0.77 -12.27 22.09
N SER C 25 -2.05 -12.57 22.33
CA SER C 25 -3.13 -12.13 21.46
C SER C 25 -4.23 -11.52 22.32
N SER C 26 -5.36 -11.21 21.70
CA SER C 26 -6.50 -10.63 22.40
C SER C 26 -7.77 -11.47 22.30
N ARG C 27 -7.92 -12.26 21.25
CA ARG C 27 -9.06 -13.16 21.10
C ARG C 27 -8.55 -14.55 20.73
N ASN C 28 -9.27 -15.56 21.20
CA ASN C 28 -8.86 -16.94 20.96
C ASN C 28 -8.84 -17.23 19.47
N VAL C 29 -7.66 -17.60 18.95
CA VAL C 29 -7.40 -17.78 17.48
C VAL C 29 -7.17 -19.24 17.12
N LEU C 30 -8.02 -20.16 17.58
CA LEU C 30 -7.92 -21.57 17.12
C LEU C 30 -9.11 -21.77 16.20
N TYR C 31 -9.47 -23.00 15.84
CA TYR C 31 -10.68 -23.14 15.02
C TYR C 31 -11.16 -24.60 15.04
N SER C 32 -12.35 -24.83 15.59
CA SER C 32 -12.89 -26.20 15.68
C SER C 32 -13.19 -26.71 14.28
N SER C 33 -13.39 -28.02 14.13
CA SER C 33 -13.69 -28.62 12.81
C SER C 33 -12.39 -28.79 12.02
N ASN C 34 -11.27 -28.28 12.55
CA ASN C 34 -9.99 -28.33 11.82
C ASN C 34 -8.87 -28.42 12.84
N ASN C 35 -9.07 -27.80 14.00
CA ASN C 35 -8.04 -27.83 15.08
C ASN C 35 -6.71 -27.35 14.50
N LYS C 36 -6.68 -26.14 13.94
CA LYS C 36 -5.42 -25.58 13.41
C LYS C 36 -5.25 -24.18 13.97
N ASN C 37 -4.13 -23.90 14.63
CA ASN C 37 -3.91 -22.52 15.10
C ASN C 37 -3.76 -21.63 13.87
N TYR C 38 -3.50 -20.35 14.05
CA TYR C 38 -3.38 -19.42 12.91
C TYR C 38 -2.34 -18.35 13.27
N LEU C 39 -1.06 -18.63 13.06
CA LEU C 39 0.05 -17.71 13.42
C LEU C 39 1.23 -17.85 12.44
N ALA C 40 2.14 -16.89 12.46
CA ALA C 40 3.32 -16.89 11.59
C ALA C 40 4.42 -16.07 12.25
N TRP C 41 5.64 -16.58 12.21
CA TRP C 41 6.82 -15.91 12.77
C TRP C 41 7.77 -15.57 11.63
N TYR C 42 8.20 -14.31 11.59
CA TYR C 42 9.03 -13.78 10.52
C TYR C 42 10.42 -13.40 11.06
N GLN C 43 11.24 -12.83 10.18
CA GLN C 43 12.57 -12.37 10.55
C GLN C 43 13.01 -11.32 9.54
N GLN C 44 13.53 -10.19 10.02
CA GLN C 44 13.96 -9.10 9.17
C GLN C 44 15.35 -8.64 9.56
N LYS C 45 16.23 -8.54 8.58
CA LYS C 45 17.54 -7.93 8.72
C LYS C 45 17.54 -6.55 8.05
N PRO C 46 18.41 -5.63 8.47
CA PRO C 46 18.41 -4.29 7.86
C PRO C 46 18.67 -4.38 6.36
N GLY C 47 17.94 -3.56 5.60
CA GLY C 47 18.03 -3.57 4.15
C GLY C 47 17.62 -4.90 3.54
N GLN C 48 16.50 -5.46 4.00
CA GLN C 48 16.04 -6.75 3.52
C GLN C 48 14.55 -6.88 3.79
N PRO C 49 13.76 -7.42 2.85
CA PRO C 49 12.36 -7.66 3.15
C PRO C 49 12.22 -8.81 4.14
N PRO C 50 11.21 -8.78 5.01
CA PRO C 50 11.00 -9.90 5.94
C PRO C 50 10.77 -11.19 5.19
N LYS C 51 11.32 -12.28 5.73
CA LYS C 51 11.22 -13.60 5.12
C LYS C 51 10.52 -14.54 6.10
N LEU C 52 9.56 -15.31 5.58
CA LEU C 52 8.78 -16.21 6.42
C LEU C 52 9.70 -17.25 7.07
N LEU C 53 9.48 -17.49 8.36
CA LEU C 53 10.32 -18.40 9.13
C LEU C 53 9.53 -19.56 9.71
N ILE C 54 8.34 -19.30 10.27
CA ILE C 54 7.51 -20.35 10.86
C ILE C 54 6.06 -20.07 10.48
N TYR C 55 5.32 -21.11 10.12
CA TYR C 55 3.90 -21.00 9.85
C TYR C 55 3.14 -22.13 10.53
N TRP C 56 1.83 -21.94 10.67
CA TRP C 56 0.91 -22.86 11.35
C TRP C 56 1.24 -22.97 12.84
N ALA C 57 2.24 -22.22 13.31
CA ALA C 57 2.75 -22.19 14.67
C ALA C 57 3.41 -23.51 15.09
N SER C 58 3.40 -24.54 14.23
CA SER C 58 4.05 -25.80 14.56
C SER C 58 4.76 -26.42 13.36
N ALA C 59 5.14 -25.63 12.36
CA ALA C 59 5.83 -26.15 11.19
C ALA C 59 6.77 -25.09 10.64
N ARG C 60 7.75 -25.54 9.88
CA ARG C 60 8.76 -24.65 9.30
C ARG C 60 8.86 -24.89 7.80
N GLU C 61 9.17 -23.82 7.07
CA GLU C 61 9.36 -23.93 5.64
C GLU C 61 10.67 -24.66 5.32
N SER C 62 10.83 -25.01 4.06
CA SER C 62 12.04 -25.69 3.62
C SER C 62 13.24 -24.74 3.67
N GLY C 63 14.38 -25.26 4.13
CA GLY C 63 15.62 -24.52 4.18
C GLY C 63 15.96 -23.94 5.54
N VAL C 64 14.98 -23.78 6.42
CA VAL C 64 15.25 -23.27 7.76
C VAL C 64 15.88 -24.38 8.60
N PRO C 65 16.97 -24.11 9.31
CA PRO C 65 17.62 -25.16 10.09
C PRO C 65 16.78 -25.63 11.27
N ASP C 66 17.25 -26.64 11.99
CA ASP C 66 16.54 -27.17 13.15
C ASP C 66 16.72 -26.33 14.40
N ARG C 67 17.57 -25.31 14.35
CA ARG C 67 17.78 -24.45 15.52
C ARG C 67 16.57 -23.61 15.85
N PHE C 68 15.67 -23.41 14.88
CA PHE C 68 14.45 -22.64 15.09
C PHE C 68 13.28 -23.59 15.33
N SER C 69 12.49 -23.30 16.36
CA SER C 69 11.34 -24.13 16.69
C SER C 69 10.13 -23.25 16.91
N GLY C 70 9.00 -23.88 17.21
CA GLY C 70 7.78 -23.14 17.48
C GLY C 70 6.76 -24.03 18.15
N SER C 71 6.20 -23.51 19.24
CA SER C 71 5.23 -24.27 20.02
C SER C 71 4.26 -23.31 20.70
N GLY C 72 3.10 -23.84 21.06
CA GLY C 72 2.09 -23.04 21.74
C GLY C 72 0.68 -23.31 21.23
N SER C 73 -0.32 -22.85 21.97
CA SER C 73 -1.71 -23.00 21.58
C SER C 73 -2.56 -21.99 22.33
N GLY C 74 -3.70 -21.65 21.75
CA GLY C 74 -4.64 -20.77 22.39
C GLY C 74 -4.34 -19.29 22.20
N THR C 75 -3.80 -18.65 23.24
CA THR C 75 -3.56 -17.21 23.24
C THR C 75 -2.08 -16.85 23.20
N ASP C 76 -1.23 -17.58 23.92
CA ASP C 76 0.19 -17.29 23.98
C ASP C 76 1.02 -18.34 23.25
N PHE C 77 2.07 -17.89 22.57
CA PHE C 77 2.94 -18.76 21.79
C PHE C 77 4.39 -18.38 22.09
N THR C 78 5.32 -19.18 21.55
CA THR C 78 6.73 -18.98 21.87
C THR C 78 7.59 -19.51 20.73
N LEU C 79 8.84 -19.02 20.70
CA LEU C 79 9.80 -19.37 19.64
C LEU C 79 10.79 -20.44 20.09
N THR C 80 11.53 -20.18 21.18
CA THR C 80 12.53 -21.08 21.71
C THR C 80 13.63 -21.43 20.71
N ILE C 81 14.43 -20.43 20.33
CA ILE C 81 15.63 -20.70 19.52
C ILE C 81 16.55 -21.64 20.29
N SER C 82 17.15 -22.59 19.58
CA SER C 82 17.94 -23.62 20.25
C SER C 82 19.38 -23.15 20.49
N SER C 83 20.10 -22.83 19.42
CA SER C 83 21.49 -22.38 19.51
C SER C 83 21.64 -21.06 18.79
N LEU C 84 22.39 -20.14 19.40
CA LEU C 84 22.57 -18.79 18.87
C LEU C 84 23.96 -18.67 18.27
N GLN C 85 24.02 -18.21 17.02
CA GLN C 85 25.27 -17.95 16.32
C GLN C 85 25.39 -16.46 16.02
N ALA C 86 26.46 -16.10 15.32
CA ALA C 86 26.71 -14.69 15.02
C ALA C 86 25.81 -14.17 13.91
N GLU C 87 25.22 -15.04 13.10
CA GLU C 87 24.39 -14.64 11.98
C GLU C 87 22.90 -14.70 12.28
N ASP C 88 22.53 -14.82 13.55
CA ASP C 88 21.12 -14.88 13.97
C ASP C 88 20.64 -13.57 14.58
N VAL C 89 21.31 -12.47 14.31
CA VAL C 89 20.92 -11.17 14.85
C VAL C 89 20.00 -10.48 13.85
N ALA C 90 18.77 -10.22 14.26
CA ALA C 90 17.75 -9.64 13.39
C ALA C 90 16.59 -9.18 14.26
N VAL C 91 15.48 -8.80 13.62
CA VAL C 91 14.27 -8.35 14.30
C VAL C 91 13.14 -9.31 13.96
N TYR C 92 12.43 -9.78 14.98
CA TYR C 92 11.44 -10.84 14.82
C TYR C 92 10.04 -10.29 15.01
N TYR C 93 9.10 -10.78 14.18
CA TYR C 93 7.70 -10.37 14.24
C TYR C 93 6.79 -11.59 14.27
N CYS C 94 5.63 -11.42 14.87
CA CYS C 94 4.57 -12.41 14.88
C CYS C 94 3.31 -11.82 14.27
N GLN C 95 2.61 -12.61 13.46
CA GLN C 95 1.44 -12.14 12.74
C GLN C 95 0.37 -13.22 12.75
N GLN C 96 -0.90 -12.79 12.84
CA GLN C 96 -2.03 -13.70 12.80
C GLN C 96 -2.84 -13.47 11.54
N TYR C 97 -3.48 -14.54 11.05
CA TYR C 97 -4.28 -14.46 9.81
C TYR C 97 -5.60 -15.21 10.00
N TYR C 98 -6.45 -14.73 10.90
CA TYR C 98 -7.80 -15.34 11.08
C TYR C 98 -8.84 -14.24 10.93
N ASN C 99 -8.40 -12.98 10.97
CA ASN C 99 -9.33 -11.82 10.85
C ASN C 99 -8.82 -10.86 9.76
N THR C 100 -9.65 -9.92 9.33
CA THR C 100 -9.26 -8.94 8.26
C THR C 100 -8.13 -8.01 8.72
N PRO C 101 -8.01 -7.62 10.02
CA PRO C 101 -6.99 -6.66 10.44
C PRO C 101 -5.57 -7.03 9.97
N TYR C 102 -5.26 -8.33 9.87
CA TYR C 102 -3.89 -8.75 9.49
C TYR C 102 -2.89 -8.15 10.48
N THR C 103 -3.21 -8.21 11.78
CA THR C 103 -2.34 -7.58 12.82
C THR C 103 -1.00 -8.32 12.90
N PHE C 104 0.09 -7.60 13.20
CA PHE C 104 1.42 -8.22 13.38
C PHE C 104 1.88 -8.04 14.83
N GLY C 105 3.19 -7.85 15.04
CA GLY C 105 3.72 -7.68 16.38
C GLY C 105 4.39 -6.34 16.56
N GLN C 106 5.37 -6.30 17.46
CA GLN C 106 6.09 -5.09 17.78
C GLN C 106 7.55 -5.13 17.37
N GLY C 107 8.21 -6.28 17.50
CA GLY C 107 9.61 -6.39 17.16
C GLY C 107 10.50 -6.57 18.38
N THR C 108 11.38 -7.57 18.34
CA THR C 108 12.26 -7.92 19.46
C THR C 108 13.68 -8.10 18.93
N LYS C 109 14.48 -7.04 19.02
CA LYS C 109 15.85 -7.11 18.54
C LYS C 109 16.68 -8.05 19.40
N LEU C 110 17.72 -8.62 18.79
CA LEU C 110 18.63 -9.53 19.47
C LEU C 110 20.05 -8.95 19.43
N GLU C 111 20.81 -9.20 20.50
CA GLU C 111 22.20 -8.80 20.59
C GLU C 111 23.04 -9.98 21.07
N ILE C 112 24.34 -9.76 21.22
CA ILE C 112 25.28 -10.77 21.67
C ILE C 112 25.91 -10.28 22.96
N LYS C 113 25.85 -11.12 24.00
CA LYS C 113 26.39 -10.76 25.31
C LYS C 113 27.90 -10.85 25.31
N ARG C 114 28.54 -9.93 26.02
CA ARG C 114 30.00 -9.92 26.14
C ARG C 114 30.37 -9.17 27.41
N THR C 115 31.66 -9.25 27.76
CA THR C 115 32.15 -8.58 28.95
C THR C 115 32.14 -7.07 28.77
N VAL C 116 32.03 -6.36 29.90
CA VAL C 116 31.93 -4.91 29.87
C VAL C 116 33.27 -4.30 29.49
N ALA C 117 33.23 -3.25 28.67
CA ALA C 117 34.43 -2.54 28.25
C ALA C 117 34.21 -1.04 28.40
N ALA C 118 35.32 -0.31 28.57
CA ALA C 118 35.30 1.14 28.79
C ALA C 118 35.40 1.89 27.46
N PRO C 119 34.76 3.04 27.36
CA PRO C 119 34.80 3.82 26.12
C PRO C 119 36.02 4.73 26.04
N SER C 120 36.28 5.20 24.83
CA SER C 120 37.30 6.20 24.57
C SER C 120 36.63 7.47 24.08
N VAL C 121 37.04 8.62 24.62
CA VAL C 121 36.40 9.90 24.36
C VAL C 121 37.37 10.80 23.63
N PHE C 122 36.89 11.46 22.57
CA PHE C 122 37.73 12.38 21.81
C PHE C 122 36.93 13.59 21.37
N ILE C 123 37.45 14.79 21.60
CA ILE C 123 36.78 16.03 21.22
C ILE C 123 37.43 16.59 19.96
N PHE C 124 36.66 17.34 19.18
CA PHE C 124 37.15 17.95 17.94
C PHE C 124 36.78 19.43 17.92
N PRO C 125 37.75 20.34 18.08
CA PRO C 125 37.44 21.76 17.96
C PRO C 125 36.95 22.09 16.57
N PRO C 126 36.11 23.11 16.43
CA PRO C 126 35.63 23.49 15.10
C PRO C 126 36.75 24.01 14.21
N SER C 127 36.59 23.81 12.91
CA SER C 127 37.58 24.25 11.94
C SER C 127 37.47 25.75 11.68
N ASP C 128 38.60 26.33 11.25
CA ASP C 128 38.63 27.76 10.95
C ASP C 128 37.76 28.10 9.74
N GLU C 129 37.75 27.22 8.74
CA GLU C 129 36.96 27.45 7.54
C GLU C 129 35.47 27.50 7.87
N GLN C 130 35.04 26.67 8.83
CA GLN C 130 33.63 26.65 9.23
C GLN C 130 33.17 27.98 9.80
N LEU C 131 34.08 28.78 10.35
CA LEU C 131 33.68 30.05 10.95
C LEU C 131 33.12 31.01 9.92
N LYS C 132 33.59 30.95 8.68
CA LYS C 132 33.07 31.82 7.63
C LYS C 132 31.62 31.53 7.30
N SER C 133 31.14 30.32 7.58
CA SER C 133 29.75 29.96 7.30
C SER C 133 28.78 30.43 8.37
N GLY C 134 29.27 30.89 9.52
CA GLY C 134 28.42 31.40 10.57
C GLY C 134 27.82 30.35 11.48
N THR C 135 28.21 29.09 11.35
CA THR C 135 27.71 28.01 12.19
C THR C 135 28.89 27.29 12.83
N ALA C 136 28.79 27.02 14.13
CA ALA C 136 29.83 26.32 14.87
C ALA C 136 29.29 24.98 15.37
N SER C 137 30.02 23.91 15.09
CA SER C 137 29.65 22.57 15.51
C SER C 137 30.80 21.96 16.30
N VAL C 138 30.47 21.34 17.43
CA VAL C 138 31.45 20.68 18.29
C VAL C 138 31.03 19.23 18.45
N VAL C 139 31.97 18.32 18.24
CA VAL C 139 31.69 16.89 18.29
C VAL C 139 32.67 16.23 19.25
N CYS C 140 32.15 15.52 20.25
CA CYS C 140 32.96 14.62 21.07
C CYS C 140 32.39 13.22 20.91
N LEU C 141 33.29 12.27 20.64
CA LEU C 141 32.95 10.94 20.16
C LEU C 141 33.35 9.90 21.19
N LEU C 142 32.48 8.88 21.33
CA LEU C 142 32.70 7.75 22.21
C LEU C 142 32.92 6.49 21.38
N ASN C 143 33.94 5.72 21.73
CA ASN C 143 34.35 4.57 20.94
C ASN C 143 34.45 3.32 21.82
N ASN C 144 34.00 2.19 21.29
CA ASN C 144 34.28 0.86 21.84
C ASN C 144 33.82 0.75 23.30
N PHE C 145 32.51 0.84 23.48
CA PHE C 145 31.91 0.67 24.79
C PHE C 145 30.77 -0.35 24.73
N TYR C 146 30.34 -0.79 25.91
CA TYR C 146 29.31 -1.80 26.08
C TYR C 146 28.89 -1.80 27.54
N PRO C 147 27.58 -1.83 27.85
CA PRO C 147 26.43 -1.82 26.93
C PRO C 147 26.20 -0.48 26.24
N ARG C 148 25.05 -0.35 25.56
CA ARG C 148 24.74 0.88 24.83
C ARG C 148 24.53 2.05 25.78
N GLU C 149 23.92 1.80 26.94
CA GLU C 149 23.50 2.88 27.84
C GLU C 149 24.69 3.70 28.33
N ALA C 150 24.78 4.94 27.86
CA ALA C 150 25.82 5.87 28.29
C ALA C 150 25.23 7.27 28.33
N LYS C 151 25.52 8.00 29.40
CA LYS C 151 24.98 9.34 29.60
C LYS C 151 26.00 10.38 29.15
N VAL C 152 25.56 11.29 28.29
CA VAL C 152 26.42 12.35 27.75
C VAL C 152 25.84 13.69 28.19
N GLN C 153 26.68 14.52 28.81
CA GLN C 153 26.24 15.79 29.36
C GLN C 153 27.18 16.89 28.88
N TRP C 154 26.64 17.87 28.15
CA TRP C 154 27.44 18.96 27.61
C TRP C 154 27.48 20.12 28.59
N LYS C 155 28.66 20.72 28.75
CA LYS C 155 28.83 21.86 29.64
C LYS C 155 29.61 22.95 28.94
N VAL C 156 29.12 24.19 29.07
CA VAL C 156 29.81 25.38 28.61
C VAL C 156 29.87 26.36 29.78
N ASP C 157 31.09 26.75 30.16
CA ASP C 157 31.32 27.65 31.30
C ASP C 157 30.62 27.12 32.55
N ASN C 158 30.70 25.80 32.75
CA ASN C 158 30.08 25.11 33.89
C ASN C 158 28.57 25.38 33.93
N ALA C 159 27.92 25.33 32.77
CA ALA C 159 26.48 25.53 32.67
C ALA C 159 25.87 24.41 31.83
N LEU C 160 24.76 23.86 32.30
CA LEU C 160 24.09 22.80 31.57
C LEU C 160 23.37 23.33 30.34
N GLN C 161 23.38 22.56 29.26
CA GLN C 161 22.72 22.91 28.02
C GLN C 161 21.76 21.81 27.62
N SER C 162 20.69 22.19 26.91
CA SER C 162 19.70 21.24 26.43
C SER C 162 18.99 21.82 25.23
N GLY C 163 18.45 20.95 24.39
CA GLY C 163 17.68 21.35 23.23
C GLY C 163 18.50 21.74 22.03
N ASN C 164 19.83 21.64 22.09
CA ASN C 164 20.68 22.00 20.95
C ASN C 164 21.76 20.97 20.70
N SER C 165 21.44 19.69 20.85
CA SER C 165 22.40 18.62 20.64
C SER C 165 21.70 17.43 20.01
N GLN C 166 22.45 16.66 19.23
CA GLN C 166 21.94 15.47 18.56
C GLN C 166 22.88 14.30 18.80
N GLU C 167 22.31 13.10 18.84
CA GLU C 167 23.06 11.89 19.13
C GLU C 167 22.83 10.85 18.04
N SER C 168 23.87 10.11 17.70
CA SER C 168 23.79 9.04 16.71
C SER C 168 24.57 7.83 17.21
N VAL C 169 24.03 6.64 16.95
CA VAL C 169 24.58 5.39 17.47
C VAL C 169 24.75 4.42 16.30
N THR C 170 25.91 3.80 16.21
CA THR C 170 26.19 2.83 15.16
C THR C 170 25.61 1.46 15.52
N GLU C 171 25.37 0.66 14.49
CA GLU C 171 24.95 -0.72 14.68
C GLU C 171 26.10 -1.53 15.28
N GLN C 172 25.74 -2.58 16.01
CA GLN C 172 26.74 -3.43 16.67
C GLN C 172 27.72 -3.99 15.64
N ASP C 173 29.01 -3.89 15.96
CA ASP C 173 30.04 -4.38 15.06
C ASP C 173 30.05 -5.90 15.01
N SER C 174 30.50 -6.44 13.88
CA SER C 174 30.57 -7.89 13.69
C SER C 174 31.92 -8.47 14.09
N LYS C 175 32.88 -7.64 14.50
CA LYS C 175 34.21 -8.11 14.88
C LYS C 175 34.33 -8.32 16.39
N ASP C 176 34.07 -7.28 17.18
CA ASP C 176 34.21 -7.36 18.63
C ASP C 176 32.91 -7.08 19.37
N SER C 177 31.80 -6.85 18.64
CA SER C 177 30.48 -6.66 19.24
C SER C 177 30.47 -5.47 20.20
N THR C 178 30.72 -4.29 19.65
CA THR C 178 30.75 -3.07 20.44
C THR C 178 30.09 -1.94 19.66
N TYR C 179 30.05 -0.75 20.27
CA TYR C 179 29.34 0.39 19.71
C TYR C 179 30.21 1.64 19.70
N SER C 180 29.78 2.61 18.90
CA SER C 180 30.32 3.95 18.90
C SER C 180 29.17 4.94 18.93
N LEU C 181 29.40 6.08 19.59
CA LEU C 181 28.37 7.08 19.79
C LEU C 181 28.92 8.46 19.42
N SER C 182 28.05 9.26 18.80
CA SER C 182 28.42 10.61 18.38
C SER C 182 27.44 11.60 18.96
N SER C 183 27.97 12.65 19.58
CA SER C 183 27.17 13.72 20.16
C SER C 183 27.61 15.04 19.53
N THR C 184 26.77 15.59 18.67
CA THR C 184 27.06 16.84 17.98
C THR C 184 26.27 17.98 18.60
N LEU C 185 26.96 19.10 18.84
CA LEU C 185 26.35 20.30 19.40
C LEU C 185 26.53 21.42 18.40
N THR C 186 25.42 22.05 18.00
CA THR C 186 25.44 23.10 16.99
C THR C 186 25.00 24.42 17.60
N LEU C 187 25.56 25.51 17.08
CA LEU C 187 25.21 26.85 17.53
C LEU C 187 25.63 27.86 16.48
N SER C 188 25.20 29.10 16.67
CA SER C 188 25.42 30.15 15.70
C SER C 188 26.71 30.91 15.98
N LYS C 189 27.15 31.69 14.97
CA LYS C 189 28.34 32.51 15.13
C LYS C 189 28.14 33.59 16.19
N ALA C 190 26.91 34.04 16.40
CA ALA C 190 26.66 35.17 17.29
C ALA C 190 27.07 34.88 18.73
N ASP C 191 26.77 33.69 19.23
CA ASP C 191 26.99 33.35 20.62
C ASP C 191 28.31 32.62 20.87
N TYR C 192 29.17 32.49 19.86
CA TYR C 192 30.42 31.77 20.04
C TYR C 192 31.44 32.60 20.80
N GLU C 193 31.44 33.92 20.62
CA GLU C 193 32.53 34.74 21.12
C GLU C 193 32.37 35.15 22.59
N LYS C 194 31.21 34.93 23.20
CA LYS C 194 30.99 35.33 24.59
C LYS C 194 31.14 34.17 25.57
N HIS C 195 31.60 33.02 25.12
CA HIS C 195 31.80 31.86 25.98
C HIS C 195 33.26 31.43 25.93
N LYS C 196 33.67 30.70 26.97
CA LYS C 196 35.09 30.42 27.19
C LYS C 196 35.43 28.95 27.08
N VAL C 197 34.73 28.08 27.82
CA VAL C 197 35.12 26.68 27.96
C VAL C 197 33.96 25.79 27.53
N TYR C 198 34.29 24.72 26.79
CA TYR C 198 33.32 23.71 26.39
C TYR C 198 33.87 22.33 26.71
N ALA C 199 32.99 21.42 27.14
CA ALA C 199 33.39 20.05 27.42
C ALA C 199 32.17 19.15 27.44
N CYS C 200 32.42 17.85 27.40
CA CYS C 200 31.36 16.85 27.50
CA CYS C 200 31.36 16.85 27.50
C CYS C 200 31.75 15.81 28.53
N GLU C 201 30.75 15.32 29.26
CA GLU C 201 30.93 14.39 30.36
C GLU C 201 30.25 13.07 30.02
N VAL C 202 30.93 11.97 30.34
CA VAL C 202 30.47 10.62 30.02
C VAL C 202 30.23 9.86 31.33
N THR C 203 29.06 9.23 31.43
CA THR C 203 28.73 8.35 32.54
C THR C 203 28.44 6.97 31.98
N HIS C 204 29.16 5.96 32.47
CA HIS C 204 29.03 4.61 31.96
C HIS C 204 29.34 3.62 33.09
N GLN C 205 28.85 2.40 32.93
CA GLN C 205 29.04 1.37 33.94
C GLN C 205 30.52 1.01 34.09
N GLY C 206 31.24 0.91 32.97
CA GLY C 206 32.64 0.50 33.02
C GLY C 206 33.59 1.55 33.56
N LEU C 207 33.14 2.79 33.69
CA LEU C 207 33.97 3.87 34.21
C LEU C 207 33.53 4.20 35.63
N SER C 208 34.48 4.16 36.56
CA SER C 208 34.16 4.49 37.95
C SER C 208 33.78 5.96 38.11
N SER C 209 34.47 6.84 37.38
CA SER C 209 34.25 8.28 37.48
C SER C 209 34.03 8.86 36.09
N PRO C 210 33.30 9.96 35.99
CA PRO C 210 33.08 10.59 34.67
C PRO C 210 34.37 11.18 34.13
N VAL C 211 34.78 10.73 32.95
CA VAL C 211 36.02 11.17 32.33
C VAL C 211 35.81 12.57 31.78
N THR C 212 36.70 13.50 32.14
CA THR C 212 36.58 14.90 31.75
C THR C 212 37.62 15.22 30.69
N LYS C 213 37.17 15.43 29.45
CA LYS C 213 38.03 15.88 28.37
C LYS C 213 37.77 17.36 28.14
N SER C 214 38.45 18.19 28.94
CA SER C 214 38.22 19.62 28.91
C SER C 214 38.81 20.24 27.65
N PHE C 215 38.19 21.31 27.17
CA PHE C 215 38.67 22.06 26.02
C PHE C 215 38.35 23.53 26.21
N ASN C 216 39.25 24.39 25.75
CA ASN C 216 39.06 25.83 25.84
C ASN C 216 39.47 26.47 24.51
N ARG C 217 38.86 27.62 24.22
CA ARG C 217 39.15 28.33 22.99
C ARG C 217 40.55 28.92 23.03
N GLY C 218 41.25 28.86 21.90
CA GLY C 218 42.60 29.38 21.80
C GLY C 218 43.69 28.41 22.21
N GLU C 219 43.34 27.16 22.51
CA GLU C 219 44.32 26.13 22.91
C GLU C 219 45.14 26.58 24.12
N CYS C 220 44.45 27.20 25.08
CA CYS C 220 45.12 27.67 26.29
C CYS C 220 45.01 26.64 27.42
#